data_8V57
#
_entry.id   8V57
#
_cell.length_a   92.930
_cell.length_b   179.610
_cell.length_c   73.352
_cell.angle_alpha   90.000
_cell.angle_beta   90.000
_cell.angle_gamma   90.000
#
_symmetry.space_group_name_H-M   'P 2 2 21'
#
loop_
_entity.id
_entity.type
_entity.pdbx_description
1 polymer 'Cathepsin K'
2 polymer Cystatin-C
3 branched 2-acetamido-2-deoxy-beta-D-glucopyranose-(1-4)-2-acetamido-2-deoxy-beta-D-glucopyranose
4 non-polymer 1,2-ETHANEDIOL
5 non-polymer 'SULFATE ION'
6 water water
#
loop_
_entity_poly.entity_id
_entity_poly.type
_entity_poly.pdbx_seq_one_letter_code
_entity_poly.pdbx_strand_id
1 'polypeptide(L)'
;GRVPDSIDYRKKGYVTPVKNQGQCGSCWAFSSAGALEGQLKKKTGKLLALSPQNLVDCVTENYGCGGGYMTTAFQYVQQN
GGIDSEDAYPYVGQDESCMYNATAKAAKCRGYREIPVGNEKALKRAVARVGPISVSIDASLASFQFYSRGVYYDENCDRD
NVNHAVLVVGYGTQKGSKHWIIKNSWGESWGNKGYALLARNKNNACGITNMASFPKM
;
A,B
2 'polypeptide(L)'
;ATPKQGPRMLGAPEEADANEEGVRRALDFAVSEYNKGSNDAYHSRAIQVVRARKQLVAGVNYFLDVEMGRTTCTKSQTNL
TDCPFHDQPHLMRKALCSFQIYSVPWKGTHSLTKFSCKNA
;
C,D
#
loop_
_chem_comp.id
_chem_comp.type
_chem_comp.name
_chem_comp.formula
EDO non-polymer 1,2-ETHANEDIOL 'C2 H6 O2'
NAG D-saccharide, beta linking 2-acetamido-2-deoxy-beta-D-glucopyranose 'C8 H15 N O6'
SO4 non-polymer 'SULFATE ION' 'O4 S -2'
#
# COMPACT_ATOMS: atom_id res chain seq x y z
N ARG A 2 -5.98 21.87 20.48
CA ARG A 2 -5.38 20.56 20.75
C ARG A 2 -4.78 19.95 19.47
N VAL A 3 -4.02 20.77 18.72
CA VAL A 3 -3.43 20.38 17.43
C VAL A 3 -1.96 20.80 17.42
N PRO A 4 -1.02 20.03 16.82
CA PRO A 4 0.41 20.36 16.98
C PRO A 4 0.75 21.74 16.46
N ASP A 5 1.75 22.36 17.09
CA ASP A 5 2.21 23.68 16.67
C ASP A 5 3.14 23.61 15.46
N SER A 6 3.87 22.50 15.31
CA SER A 6 4.80 22.30 14.21
C SER A 6 4.75 20.85 13.74
N ILE A 7 4.79 20.65 12.43
CA ILE A 7 4.86 19.32 11.84
C ILE A 7 5.61 19.44 10.51
N ASP A 8 6.36 18.38 10.18
CA ASP A 8 7.19 18.36 8.97
C ASP A 8 7.17 16.92 8.45
N TYR A 9 6.36 16.69 7.41
CA TYR A 9 6.15 15.35 6.92
C TYR A 9 7.36 14.77 6.20
N ARG A 10 8.37 15.57 5.91
CA ARG A 10 9.60 15.01 5.36
C ARG A 10 10.27 14.08 6.36
N LYS A 11 10.38 14.53 7.61
CA LYS A 11 10.97 13.71 8.66
C LYS A 11 10.22 12.41 8.83
N LYS A 12 8.89 12.47 8.73
CA LYS A 12 8.08 11.28 8.93
C LYS A 12 8.18 10.29 7.79
N GLY A 13 8.91 10.59 6.73
CA GLY A 13 9.00 9.68 5.60
C GLY A 13 7.80 9.70 4.69
N TYR A 14 7.14 10.84 4.53
CA TYR A 14 5.93 10.96 3.73
C TYR A 14 6.15 11.62 2.37
N VAL A 15 7.35 12.16 2.12
CA VAL A 15 7.62 13.01 0.97
C VAL A 15 8.69 12.36 0.12
N THR A 16 8.42 12.28 -1.18
CA THR A 16 9.40 11.85 -2.17
C THR A 16 10.35 12.99 -2.46
N PRO A 17 11.47 12.73 -3.14
CA PRO A 17 12.37 13.83 -3.47
C PRO A 17 11.80 14.76 -4.53
N VAL A 18 12.24 16.02 -4.45
CA VAL A 18 11.83 17.06 -5.39
C VAL A 18 12.06 16.61 -6.82
N LYS A 19 11.14 16.98 -7.70
CA LYS A 19 11.30 16.75 -9.13
C LYS A 19 11.22 18.09 -9.85
N ASN A 20 11.44 18.04 -11.17
CA ASN A 20 11.39 19.21 -12.02
C ASN A 20 10.39 18.96 -13.15
N GLN A 21 9.32 19.76 -13.19
CA GLN A 21 8.32 19.60 -14.24
C GLN A 21 8.81 20.10 -15.59
N GLY A 22 9.84 20.94 -15.62
CA GLY A 22 10.42 21.33 -16.88
C GLY A 22 9.53 22.30 -17.64
N GLN A 23 9.51 22.13 -18.96
CA GLN A 23 8.71 23.02 -19.82
C GLN A 23 7.23 22.69 -19.77
N CYS A 24 6.87 21.51 -19.29
CA CYS A 24 5.49 21.08 -19.22
C CYS A 24 4.80 21.78 -18.05
N GLY A 25 3.54 22.17 -18.26
CA GLY A 25 2.76 22.82 -17.23
C GLY A 25 1.98 21.83 -16.40
N SER A 26 2.68 21.00 -15.62
CA SER A 26 2.09 19.87 -14.93
C SER A 26 2.24 19.98 -13.41
N CYS A 27 2.31 21.21 -12.89
CA CYS A 27 2.36 21.42 -11.45
C CYS A 27 1.20 20.72 -10.76
N TRP A 28 0.02 20.82 -11.34
CA TRP A 28 -1.17 20.16 -10.81
C TRP A 28 -0.96 18.65 -10.66
N ALA A 29 -0.23 18.05 -11.59
CA ALA A 29 -0.04 16.61 -11.54
C ALA A 29 1.00 16.22 -10.49
N PHE A 30 2.06 17.02 -10.33
CA PHE A 30 3.03 16.75 -9.29
C PHE A 30 2.41 16.97 -7.91
N SER A 31 1.57 17.98 -7.77
CA SER A 31 0.91 18.23 -6.49
C SER A 31 -0.02 17.08 -6.12
N SER A 32 -0.91 16.70 -7.05
CA SER A 32 -1.86 15.64 -6.80
C SER A 32 -1.16 14.32 -6.49
N ALA A 33 -0.20 13.95 -7.33
CA ALA A 33 0.57 12.74 -7.07
C ALA A 33 1.28 12.82 -5.73
N GLY A 34 1.71 14.03 -5.35
CA GLY A 34 2.36 14.19 -4.06
C GLY A 34 1.41 13.98 -2.89
N ALA A 35 0.19 14.52 -2.98
CA ALA A 35 -0.77 14.27 -1.92
C ALA A 35 -1.18 12.80 -1.86
N LEU A 36 -1.23 12.14 -3.01
CA LEU A 36 -1.51 10.71 -3.04
C LEU A 36 -0.35 9.90 -2.47
N GLU A 37 0.89 10.33 -2.75
CA GLU A 37 2.06 9.67 -2.16
C GLU A 37 1.97 9.69 -0.64
N GLY A 38 1.72 10.88 -0.07
CA GLY A 38 1.65 10.98 1.37
C GLY A 38 0.53 10.16 1.97
N GLN A 39 -0.62 10.15 1.30
CA GLN A 39 -1.77 9.42 1.82
C GLN A 39 -1.61 7.92 1.66
N LEU A 40 -0.78 7.46 0.70
CA LEU A 40 -0.45 6.05 0.63
C LEU A 40 0.47 5.65 1.77
N LYS A 41 1.46 6.49 2.07
CA LYS A 41 2.33 6.22 3.22
C LYS A 41 1.50 6.07 4.49
N LYS A 42 0.49 6.91 4.66
CA LYS A 42 -0.29 6.88 5.89
C LYS A 42 -1.10 5.60 5.99
N LYS A 43 -1.71 5.17 4.89
CA LYS A 43 -2.64 4.05 4.92
C LYS A 43 -1.93 2.71 5.03
N THR A 44 -0.77 2.57 4.37
CA THR A 44 -0.08 1.29 4.23
C THR A 44 1.28 1.27 4.93
N GLY A 45 2.02 2.36 4.88
CA GLY A 45 3.34 2.47 5.50
C GLY A 45 4.48 2.58 4.51
N LYS A 46 4.30 2.12 3.27
CA LYS A 46 5.34 2.25 2.26
C LYS A 46 5.20 3.59 1.56
N LEU A 47 6.35 4.18 1.21
CA LEU A 47 6.41 5.40 0.43
C LEU A 47 6.88 5.04 -0.98
N LEU A 48 6.02 5.27 -1.97
CA LEU A 48 6.34 4.99 -3.36
C LEU A 48 6.00 6.21 -4.21
N ALA A 49 6.96 6.67 -4.99
CA ALA A 49 6.72 7.80 -5.88
C ALA A 49 5.76 7.39 -6.98
N LEU A 50 4.67 8.15 -7.12
CA LEU A 50 3.65 7.90 -8.11
C LEU A 50 3.91 8.74 -9.35
N SER A 51 3.13 8.46 -10.39
CA SER A 51 3.45 8.96 -11.72
C SER A 51 2.65 10.21 -12.03
N PRO A 52 3.26 11.39 -12.09
CA PRO A 52 2.53 12.54 -12.61
C PRO A 52 2.25 12.44 -14.10
N GLN A 53 3.10 11.73 -14.86
CA GLN A 53 2.84 11.55 -16.29
C GLN A 53 1.58 10.76 -16.53
N ASN A 54 1.27 9.79 -15.65
CA ASN A 54 -0.02 9.12 -15.66
C ASN A 54 -1.13 10.15 -15.75
N LEU A 55 -1.08 11.15 -14.89
CA LEU A 55 -2.15 12.12 -14.81
C LEU A 55 -2.11 13.09 -16.00
N VAL A 56 -0.91 13.43 -16.45
CA VAL A 56 -0.79 14.36 -17.58
C VAL A 56 -1.41 13.75 -18.83
N ASP A 57 -1.20 12.45 -19.04
CA ASP A 57 -1.62 11.83 -20.27
C ASP A 57 -3.08 11.40 -20.24
N CYS A 58 -3.58 11.01 -19.06
CA CYS A 58 -4.82 10.26 -18.94
C CYS A 58 -5.99 11.06 -18.40
N VAL A 59 -5.75 12.10 -17.61
CA VAL A 59 -6.85 12.91 -17.12
C VAL A 59 -7.38 13.71 -18.30
N THR A 60 -8.23 13.07 -19.12
CA THR A 60 -8.65 13.66 -20.39
C THR A 60 -9.48 14.93 -20.21
N GLU A 61 -10.14 15.06 -19.06
CA GLU A 61 -10.87 16.25 -18.68
C GLU A 61 -9.95 17.38 -18.20
N ASN A 62 -8.63 17.17 -18.25
CA ASN A 62 -7.62 18.22 -18.15
C ASN A 62 -6.86 18.32 -19.47
N TYR A 63 -5.98 19.31 -19.54
CA TYR A 63 -5.29 19.67 -20.76
C TYR A 63 -3.81 19.26 -20.74
N GLY A 64 -3.48 18.20 -20.01
CA GLY A 64 -2.12 17.66 -20.01
C GLY A 64 -1.08 18.69 -19.65
N CYS A 65 -0.11 18.91 -20.53
CA CYS A 65 0.92 19.91 -20.27
C CYS A 65 0.42 21.34 -20.42
N GLY A 66 -0.84 21.53 -20.79
CA GLY A 66 -1.43 22.83 -20.90
C GLY A 66 -2.30 23.21 -19.72
N GLY A 67 -2.12 22.53 -18.59
CA GLY A 67 -2.78 22.88 -17.35
C GLY A 67 -3.85 21.89 -16.95
N GLY A 68 -4.32 22.09 -15.72
CA GLY A 68 -5.30 21.19 -15.13
C GLY A 68 -5.56 21.57 -13.69
N TYR A 69 -6.44 20.78 -13.08
CA TYR A 69 -6.82 20.92 -11.68
C TYR A 69 -6.40 19.69 -10.90
N MET A 70 -6.22 19.86 -9.58
CA MET A 70 -5.86 18.74 -8.74
C MET A 70 -7.06 17.88 -8.40
N THR A 71 -8.17 18.53 -8.01
CA THR A 71 -9.41 17.81 -7.72
C THR A 71 -9.82 16.92 -8.90
N THR A 72 -9.59 17.42 -10.11
CA THR A 72 -9.86 16.61 -11.28
C THR A 72 -8.95 15.39 -11.33
N ALA A 73 -7.66 15.57 -11.05
CA ALA A 73 -6.76 14.44 -11.03
C ALA A 73 -7.19 13.40 -10.01
N PHE A 74 -7.57 13.85 -8.81
CA PHE A 74 -8.06 12.93 -7.80
C PHE A 74 -9.31 12.20 -8.29
N GLN A 75 -10.17 12.89 -9.03
CA GLN A 75 -11.38 12.24 -9.51
C GLN A 75 -11.06 11.21 -10.59
N TYR A 76 -10.03 11.47 -11.40
CA TYR A 76 -9.62 10.50 -12.42
C TYR A 76 -9.20 9.19 -11.78
N VAL A 77 -8.25 9.24 -10.84
CA VAL A 77 -7.76 8.01 -10.23
C VAL A 77 -8.88 7.26 -9.54
N GLN A 78 -9.90 7.96 -9.03
CA GLN A 78 -11.04 7.29 -8.45
C GLN A 78 -11.82 6.53 -9.52
N GLN A 79 -12.26 7.24 -10.56
CA GLN A 79 -13.05 6.59 -11.60
C GLN A 79 -12.21 5.67 -12.47
N ASN A 80 -10.93 6.00 -12.67
CA ASN A 80 -10.05 5.11 -13.43
C ASN A 80 -9.65 3.89 -12.64
N GLY A 81 -9.75 3.94 -11.32
CA GLY A 81 -9.46 2.79 -10.50
C GLY A 81 -8.01 2.59 -10.13
N GLY A 82 -7.18 3.62 -10.23
CA GLY A 82 -5.81 3.54 -9.77
C GLY A 82 -4.89 4.43 -10.57
N ILE A 83 -3.63 4.43 -10.16
CA ILE A 83 -2.56 5.21 -10.78
C ILE A 83 -1.27 4.41 -10.68
N ASP A 84 -0.47 4.46 -11.75
CA ASP A 84 0.78 3.75 -11.80
C ASP A 84 1.87 4.52 -11.05
N SER A 85 2.96 3.82 -10.77
CA SER A 85 4.11 4.38 -10.08
C SER A 85 5.07 5.03 -11.07
N GLU A 86 5.88 5.96 -10.54
CA GLU A 86 6.86 6.67 -11.34
C GLU A 86 7.76 5.71 -12.11
N ASP A 87 8.21 4.63 -11.46
CA ASP A 87 9.05 3.66 -12.15
C ASP A 87 8.32 3.03 -13.33
N ALA A 88 7.07 2.61 -13.13
CA ALA A 88 6.30 2.01 -14.21
C ALA A 88 5.90 3.02 -15.28
N TYR A 89 5.82 4.31 -14.94
CA TYR A 89 5.32 5.34 -15.85
C TYR A 89 6.14 6.61 -15.65
N PRO A 90 7.41 6.57 -16.03
CA PRO A 90 8.31 7.69 -15.72
C PRO A 90 7.96 8.96 -16.46
N TYR A 91 8.31 10.08 -15.84
CA TYR A 91 7.94 11.40 -16.32
C TYR A 91 8.82 11.82 -17.48
N VAL A 92 8.19 12.42 -18.48
CA VAL A 92 8.86 12.91 -19.67
C VAL A 92 8.63 14.40 -19.92
N GLY A 93 7.66 15.01 -19.24
CA GLY A 93 7.42 16.44 -19.41
C GLY A 93 6.99 16.83 -20.81
N GLN A 94 6.13 16.02 -21.43
CA GLN A 94 5.66 16.25 -22.79
C GLN A 94 4.35 15.48 -22.96
N ASP A 95 3.41 16.07 -23.69
CA ASP A 95 2.12 15.41 -23.89
C ASP A 95 2.31 14.13 -24.70
N GLU A 96 1.49 13.14 -24.37
CA GLU A 96 1.47 11.88 -25.10
C GLU A 96 0.16 11.17 -24.80
N SER A 97 0.01 9.97 -25.35
CA SER A 97 -1.23 9.22 -25.22
C SER A 97 -1.25 8.50 -23.88
N CYS A 98 -2.46 8.24 -23.38
CA CYS A 98 -2.61 7.57 -22.09
C CYS A 98 -2.00 6.17 -22.14
N MET A 99 -0.78 6.03 -21.62
CA MET A 99 -0.15 4.74 -21.45
C MET A 99 -0.39 4.15 -20.07
N TYR A 100 -1.52 4.46 -19.44
CA TYR A 100 -1.85 3.87 -18.14
C TYR A 100 -1.81 2.36 -18.24
N ASN A 101 -1.25 1.73 -17.22
CA ASN A 101 -1.04 0.28 -17.23
C ASN A 101 -1.81 -0.35 -16.09
N ALA A 102 -2.89 -1.03 -16.46
CA ALA A 102 -3.89 -1.61 -15.57
C ALA A 102 -3.25 -2.33 -14.40
N THR A 103 -2.61 -3.48 -14.66
CA THR A 103 -2.12 -4.33 -13.58
C THR A 103 -1.06 -3.65 -12.71
N ALA A 104 -0.47 -2.55 -13.18
CA ALA A 104 0.53 -1.83 -12.39
C ALA A 104 -0.09 -0.81 -11.43
N LYS A 105 -1.35 -1.02 -10.99
CA LYS A 105 -1.95 -0.21 -9.95
C LYS A 105 -1.00 -0.12 -8.75
N ALA A 106 -0.64 1.11 -8.38
CA ALA A 106 0.19 1.39 -7.21
C ALA A 106 -0.58 2.01 -6.06
N ALA A 107 -1.67 2.72 -6.35
CA ALA A 107 -2.48 3.36 -5.32
C ALA A 107 -3.90 3.50 -5.85
N LYS A 108 -4.84 3.70 -4.93
CA LYS A 108 -6.25 3.90 -5.26
C LYS A 108 -6.71 5.24 -4.67
N CYS A 109 -7.95 5.61 -5.01
CA CYS A 109 -8.51 6.88 -4.55
C CYS A 109 -10.01 6.71 -4.43
N ARG A 110 -10.56 7.13 -3.28
CA ARG A 110 -11.99 7.00 -2.99
C ARG A 110 -12.69 8.35 -2.97
N GLY A 111 -12.17 9.33 -3.72
CA GLY A 111 -12.73 10.67 -3.78
C GLY A 111 -11.73 11.74 -3.40
N TYR A 112 -12.23 12.91 -3.02
CA TYR A 112 -11.37 13.99 -2.58
C TYR A 112 -12.19 14.95 -1.74
N ARG A 113 -11.50 15.87 -1.08
CA ARG A 113 -12.13 16.93 -0.31
C ARG A 113 -11.33 18.21 -0.48
N GLU A 114 -12.04 19.33 -0.34
CA GLU A 114 -11.48 20.66 -0.53
C GLU A 114 -11.46 21.42 0.78
N ILE A 115 -10.45 22.26 0.95
CA ILE A 115 -10.29 23.02 2.17
C ILE A 115 -11.26 24.20 2.09
N PRO A 116 -11.86 24.64 3.20
CA PRO A 116 -12.67 25.88 3.15
C PRO A 116 -11.83 27.05 2.65
N VAL A 117 -12.35 27.74 1.64
CA VAL A 117 -11.60 28.82 0.99
C VAL A 117 -11.32 29.94 1.99
N GLY A 118 -10.05 30.31 2.10
CA GLY A 118 -9.66 31.41 2.96
C GLY A 118 -9.50 31.07 4.42
N ASN A 119 -9.55 29.80 4.80
CA ASN A 119 -9.48 29.37 6.21
C ASN A 119 -8.14 28.68 6.45
N GLU A 120 -7.14 29.46 6.86
CA GLU A 120 -5.83 28.87 7.16
C GLU A 120 -5.89 27.97 8.38
N LYS A 121 -6.71 28.35 9.39
CA LYS A 121 -6.93 27.49 10.55
C LYS A 121 -7.42 26.11 10.13
N ALA A 122 -8.32 26.06 9.14
CA ALA A 122 -8.77 24.79 8.61
C ALA A 122 -7.61 24.03 7.96
N LEU A 123 -6.86 24.71 7.07
CA LEU A 123 -5.72 24.07 6.40
C LEU A 123 -4.72 23.53 7.41
N LYS A 124 -4.56 24.20 8.55
CA LYS A 124 -3.64 23.72 9.57
C LYS A 124 -4.09 22.38 10.11
N ARG A 125 -5.38 22.27 10.47
CA ARG A 125 -5.89 21.00 10.96
C ARG A 125 -5.76 19.93 9.89
N ALA A 126 -6.07 20.28 8.63
CA ALA A 126 -6.03 19.29 7.57
C ALA A 126 -4.63 18.73 7.39
N VAL A 127 -3.61 19.58 7.45
CA VAL A 127 -2.24 19.11 7.35
C VAL A 127 -1.91 18.18 8.51
N ALA A 128 -2.35 18.54 9.71
CA ALA A 128 -2.09 17.72 10.90
C ALA A 128 -2.80 16.39 10.83
N ARG A 129 -4.11 16.41 10.56
CA ARG A 129 -4.90 15.18 10.52
C ARG A 129 -4.58 14.36 9.27
N VAL A 130 -4.79 14.94 8.09
CA VAL A 130 -4.69 14.17 6.85
C VAL A 130 -3.24 13.91 6.48
N GLY A 131 -2.52 14.98 6.17
CA GLY A 131 -1.19 14.84 5.62
C GLY A 131 -0.91 15.94 4.63
N PRO A 132 0.02 15.71 3.70
CA PRO A 132 0.37 16.77 2.73
C PRO A 132 -0.83 17.12 1.86
N ILE A 133 -1.11 18.42 1.79
CA ILE A 133 -2.29 18.96 1.12
C ILE A 133 -1.83 19.66 -0.16
N SER A 134 -2.41 19.27 -1.29
CA SER A 134 -2.23 20.01 -2.53
C SER A 134 -2.87 21.38 -2.39
N VAL A 135 -2.11 22.44 -2.72
CA VAL A 135 -2.60 23.81 -2.64
C VAL A 135 -2.16 24.57 -3.89
N SER A 136 -2.79 25.73 -4.08
CA SER A 136 -2.52 26.63 -5.19
C SER A 136 -2.15 28.00 -4.65
N ILE A 137 -1.13 28.61 -5.23
CA ILE A 137 -0.60 29.91 -4.80
C ILE A 137 -0.41 30.81 -6.03
N ASP A 138 0.01 32.04 -5.76
CA ASP A 138 0.50 32.96 -6.77
C ASP A 138 2.02 32.86 -6.75
N ALA A 139 2.57 32.12 -7.72
CA ALA A 139 4.01 31.90 -7.85
C ALA A 139 4.59 32.66 -9.04
N SER A 140 3.97 33.77 -9.42
CA SER A 140 4.36 34.49 -10.62
C SER A 140 5.36 35.60 -10.36
N LEU A 141 5.47 36.09 -9.13
CA LEU A 141 6.37 37.19 -8.84
C LEU A 141 7.81 36.73 -8.87
N ALA A 142 8.70 37.67 -9.20
CA ALA A 142 10.13 37.38 -9.21
C ALA A 142 10.62 36.98 -7.83
N SER A 143 10.11 37.65 -6.79
CA SER A 143 10.49 37.33 -5.42
C SER A 143 10.29 35.86 -5.10
N PHE A 144 9.26 35.23 -5.69
CA PHE A 144 9.09 33.79 -5.53
C PHE A 144 10.02 33.02 -6.45
N GLN A 145 10.19 33.49 -7.69
CA GLN A 145 11.08 32.82 -8.63
C GLN A 145 12.50 32.73 -8.08
N PHE A 146 12.99 33.82 -7.47
CA PHE A 146 14.33 33.90 -6.91
C PHE A 146 14.33 33.66 -5.39
N TYR A 147 13.28 33.05 -4.85
CA TYR A 147 13.29 32.70 -3.43
C TYR A 147 14.47 31.79 -3.15
N SER A 148 15.09 31.97 -1.98
CA SER A 148 16.13 31.05 -1.52
C SER A 148 15.98 30.67 -0.05
N ARG A 149 15.71 31.60 0.87
CA ARG A 149 15.51 31.22 2.27
C ARG A 149 14.59 32.20 2.98
N GLY A 150 14.08 31.77 4.14
CA GLY A 150 13.23 32.59 4.98
C GLY A 150 11.74 32.33 4.73
N VAL A 151 10.91 33.09 5.43
CA VAL A 151 9.47 33.00 5.31
C VAL A 151 9.02 33.97 4.22
N TYR A 152 8.63 33.42 3.06
CA TYR A 152 8.24 34.23 1.93
C TYR A 152 6.98 35.03 2.23
N TYR A 153 7.08 36.34 2.09
CA TYR A 153 5.93 37.23 2.16
C TYR A 153 6.16 38.37 1.19
N ASP A 154 5.12 38.70 0.42
CA ASP A 154 5.17 39.78 -0.55
C ASP A 154 3.79 40.41 -0.63
N GLU A 155 3.69 41.70 -0.29
CA GLU A 155 2.39 42.39 -0.28
C GLU A 155 1.73 42.40 -1.66
N ASN A 156 2.50 42.18 -2.73
CA ASN A 156 1.97 42.13 -4.09
C ASN A 156 1.54 40.73 -4.52
N CYS A 157 1.75 39.71 -3.70
CA CYS A 157 1.32 38.36 -4.04
C CYS A 157 -0.20 38.35 -4.18
N ASP A 158 -0.69 38.02 -5.36
CA ASP A 158 -2.13 38.08 -5.61
C ASP A 158 -2.85 37.00 -4.82
N ARG A 159 -3.48 37.40 -3.71
CA ARG A 159 -4.24 36.45 -2.89
C ARG A 159 -5.66 36.22 -3.42
N ASP A 160 -5.94 36.54 -4.67
CA ASP A 160 -7.24 36.35 -5.29
C ASP A 160 -7.20 35.44 -6.51
N ASN A 161 -6.13 35.51 -7.32
CA ASN A 161 -5.96 34.70 -8.52
C ASN A 161 -4.65 33.91 -8.41
N VAL A 162 -4.77 32.64 -8.03
CA VAL A 162 -3.63 31.76 -7.97
C VAL A 162 -3.32 31.25 -9.37
N ASN A 163 -2.14 30.67 -9.55
CA ASN A 163 -1.73 30.21 -10.87
C ASN A 163 -0.74 29.05 -10.85
N HIS A 164 -0.42 28.47 -9.70
CA HIS A 164 0.62 27.44 -9.60
C HIS A 164 0.31 26.49 -8.45
N ALA A 165 0.49 25.19 -8.70
CA ALA A 165 0.26 24.16 -7.71
C ALA A 165 1.56 23.73 -7.04
N VAL A 166 1.55 23.70 -5.72
CA VAL A 166 2.63 23.16 -4.90
C VAL A 166 1.98 22.19 -3.92
N LEU A 167 2.76 21.67 -2.97
CA LEU A 167 2.29 20.68 -2.01
C LEU A 167 2.74 21.09 -0.62
N VAL A 168 1.79 21.42 0.25
CA VAL A 168 2.12 21.72 1.64
C VAL A 168 2.48 20.44 2.37
N VAL A 169 3.60 20.44 3.09
CA VAL A 169 4.08 19.24 3.77
C VAL A 169 4.35 19.51 5.25
N GLY A 170 3.83 20.61 5.78
CA GLY A 170 4.04 20.92 7.17
C GLY A 170 3.78 22.39 7.45
N TYR A 171 4.12 22.79 8.67
CA TYR A 171 4.04 24.19 9.09
C TYR A 171 4.86 24.35 10.37
N GLY A 172 5.01 25.59 10.78
CA GLY A 172 5.76 25.88 11.99
C GLY A 172 6.13 27.34 12.04
N THR A 173 7.25 27.61 12.73
CA THR A 173 7.73 28.96 12.95
C THR A 173 9.23 28.99 12.72
N GLN A 174 9.72 30.15 12.30
CA GLN A 174 11.14 30.37 12.07
C GLN A 174 11.44 31.80 12.49
N LYS A 175 12.25 31.97 13.52
CA LYS A 175 12.62 33.30 14.04
C LYS A 175 11.38 34.12 14.37
N GLY A 176 10.35 33.46 14.86
CA GLY A 176 9.14 34.16 15.28
C GLY A 176 8.26 34.66 14.16
N SER A 177 8.16 33.90 13.07
CA SER A 177 7.23 34.19 11.98
C SER A 177 6.64 32.86 11.51
N LYS A 178 5.33 32.70 11.69
CA LYS A 178 4.69 31.45 11.33
C LYS A 178 4.71 31.24 9.82
N HIS A 179 4.72 29.98 9.40
CA HIS A 179 4.91 29.68 7.98
C HIS A 179 4.28 28.34 7.61
N TRP A 180 4.08 28.16 6.31
CA TRP A 180 3.76 26.88 5.69
C TRP A 180 5.01 26.33 5.03
N ILE A 181 5.19 25.01 5.07
CA ILE A 181 6.26 24.33 4.35
C ILE A 181 5.67 23.72 3.09
N ILE A 182 6.24 24.07 1.93
CA ILE A 182 5.70 23.65 0.64
C ILE A 182 6.81 23.00 -0.19
N LYS A 183 6.44 21.93 -0.90
CA LYS A 183 7.30 21.27 -1.87
C LYS A 183 6.92 21.72 -3.27
N ASN A 184 7.87 22.29 -3.98
CA ASN A 184 7.65 22.71 -5.35
C ASN A 184 8.09 21.62 -6.32
N SER A 185 7.70 21.81 -7.59
CA SER A 185 8.03 20.90 -8.67
C SER A 185 9.02 21.52 -9.64
N TRP A 186 9.86 22.43 -9.16
CA TRP A 186 10.78 23.20 -9.98
C TRP A 186 12.23 22.78 -9.75
N GLY A 187 12.46 21.52 -9.42
CA GLY A 187 13.81 21.03 -9.24
C GLY A 187 14.50 21.55 -7.98
N GLU A 188 15.64 20.95 -7.64
CA GLU A 188 16.33 21.30 -6.40
C GLU A 188 17.09 22.61 -6.49
N SER A 189 17.40 23.08 -7.70
CA SER A 189 18.12 24.34 -7.82
C SER A 189 17.24 25.56 -7.59
N TRP A 190 15.91 25.39 -7.58
CA TRP A 190 15.01 26.46 -7.17
C TRP A 190 14.84 26.46 -5.66
N GLY A 191 14.82 27.65 -5.07
CA GLY A 191 14.45 27.76 -3.68
C GLY A 191 15.50 27.17 -2.75
N ASN A 192 15.02 26.45 -1.74
CA ASN A 192 15.85 25.84 -0.71
C ASN A 192 15.82 24.33 -0.93
N LYS A 193 16.65 23.88 -1.87
CA LYS A 193 16.66 22.47 -2.28
C LYS A 193 15.27 22.03 -2.71
N GLY A 194 14.54 22.93 -3.39
CA GLY A 194 13.25 22.64 -3.97
C GLY A 194 12.05 23.01 -3.11
N TYR A 195 12.26 23.42 -1.85
CA TYR A 195 11.19 23.73 -0.91
C TYR A 195 11.18 25.21 -0.60
N ALA A 196 10.17 25.63 0.14
CA ALA A 196 10.10 27.02 0.59
C ALA A 196 9.27 27.09 1.86
N LEU A 197 9.39 28.22 2.55
CA LEU A 197 8.55 28.56 3.67
C LEU A 197 7.72 29.79 3.28
N LEU A 198 6.40 29.62 3.20
CA LEU A 198 5.47 30.71 2.88
C LEU A 198 4.82 31.22 4.15
N ALA A 199 4.58 32.52 4.17
CA ALA A 199 3.94 33.15 5.32
C ALA A 199 2.60 32.52 5.64
N ARG A 200 2.37 32.29 6.95
CA ARG A 200 1.19 31.64 7.46
C ARG A 200 0.48 32.54 8.46
N ASN A 201 -0.85 32.45 8.47
CA ASN A 201 -1.71 33.30 9.31
C ASN A 201 -1.40 34.77 9.06
N LYS A 202 -1.16 35.12 7.79
CA LYS A 202 -0.94 36.50 7.37
C LYS A 202 -1.91 36.80 6.22
N ASN A 203 -3.20 36.60 6.50
CA ASN A 203 -4.30 37.01 5.61
C ASN A 203 -4.27 36.24 4.28
N ASN A 204 -4.04 34.93 4.36
CA ASN A 204 -4.09 34.08 3.19
C ASN A 204 -3.07 34.55 2.15
N ALA A 205 -1.81 34.61 2.58
CA ALA A 205 -0.74 35.09 1.72
C ALA A 205 -0.65 34.22 0.47
N CYS A 206 -0.64 34.89 -0.68
CA CYS A 206 -0.56 34.25 -2.00
C CYS A 206 -1.76 33.36 -2.30
N GLY A 207 -2.84 33.50 -1.55
CA GLY A 207 -4.03 32.71 -1.82
C GLY A 207 -3.84 31.22 -1.62
N ILE A 208 -3.08 30.84 -0.59
CA ILE A 208 -2.69 29.44 -0.40
C ILE A 208 -3.90 28.55 -0.14
N THR A 209 -4.92 29.07 0.53
CA THR A 209 -6.14 28.31 0.81
C THR A 209 -7.26 28.57 -0.21
N ASN A 210 -6.93 29.15 -1.36
CA ASN A 210 -7.96 29.46 -2.34
C ASN A 210 -8.40 28.24 -3.13
N MET A 211 -7.60 27.20 -3.18
CA MET A 211 -7.91 26.04 -4.01
C MET A 211 -7.10 24.83 -3.53
N ALA A 212 -7.25 24.49 -2.26
CA ALA A 212 -6.51 23.40 -1.65
C ALA A 212 -7.41 22.18 -1.53
N SER A 213 -6.83 21.01 -1.79
CA SER A 213 -7.57 19.76 -1.72
C SER A 213 -6.62 18.64 -1.32
N PHE A 214 -7.19 17.49 -1.02
CA PHE A 214 -6.41 16.30 -0.75
C PHE A 214 -7.24 15.09 -1.13
N PRO A 215 -6.60 13.95 -1.42
CA PRO A 215 -7.36 12.77 -1.81
C PRO A 215 -7.77 11.93 -0.61
N LYS A 216 -8.78 11.10 -0.85
CA LYS A 216 -9.25 10.11 0.10
C LYS A 216 -8.83 8.74 -0.38
N MET A 217 -8.40 7.90 0.57
CA MET A 217 -8.10 6.51 0.29
C MET A 217 -8.95 5.63 1.17
N VAL B 3 -25.19 -6.51 -2.27
CA VAL B 3 -24.91 -7.89 -1.74
C VAL B 3 -25.33 -8.93 -2.78
N PRO B 4 -24.43 -9.31 -3.69
CA PRO B 4 -24.75 -10.32 -4.69
C PRO B 4 -24.93 -11.70 -4.07
N ASP B 5 -25.37 -12.64 -4.91
CA ASP B 5 -25.55 -14.02 -4.49
C ASP B 5 -24.35 -14.91 -4.77
N SER B 6 -23.42 -14.46 -5.60
CA SER B 6 -22.21 -15.21 -5.90
C SER B 6 -21.06 -14.21 -5.85
N ILE B 7 -19.90 -14.69 -5.41
CA ILE B 7 -18.75 -13.81 -5.19
C ILE B 7 -17.55 -14.64 -4.72
N ASP B 8 -16.39 -14.42 -5.34
CA ASP B 8 -15.18 -15.21 -5.10
C ASP B 8 -14.00 -14.25 -5.18
N TYR B 9 -13.47 -13.86 -4.02
CA TYR B 9 -12.38 -12.91 -3.99
C TYR B 9 -11.08 -13.47 -4.54
N ARG B 10 -11.00 -14.77 -4.80
CA ARG B 10 -9.85 -15.30 -5.55
C ARG B 10 -9.90 -14.85 -7.00
N LYS B 11 -11.10 -14.84 -7.60
CA LYS B 11 -11.25 -14.35 -8.97
C LYS B 11 -10.87 -12.89 -9.10
N LYS B 12 -11.14 -12.09 -8.05
CA LYS B 12 -10.85 -10.66 -8.07
C LYS B 12 -9.39 -10.33 -7.75
N GLY B 13 -8.56 -11.31 -7.41
CA GLY B 13 -7.17 -11.03 -7.10
C GLY B 13 -6.91 -10.52 -5.71
N TYR B 14 -7.65 -11.01 -4.71
CA TYR B 14 -7.55 -10.58 -3.32
C TYR B 14 -6.84 -11.58 -2.40
N VAL B 15 -6.57 -12.79 -2.87
CA VAL B 15 -6.16 -13.88 -2.01
C VAL B 15 -4.78 -14.36 -2.45
N THR B 16 -3.88 -14.49 -1.49
CA THR B 16 -2.54 -15.01 -1.74
C THR B 16 -2.57 -16.52 -1.80
N PRO B 17 -1.51 -17.17 -2.27
CA PRO B 17 -1.54 -18.63 -2.38
C PRO B 17 -1.64 -19.30 -1.01
N VAL B 18 -2.22 -20.49 -1.01
CA VAL B 18 -2.41 -21.21 0.24
C VAL B 18 -1.06 -21.59 0.84
N LYS B 19 -0.96 -21.50 2.16
CA LYS B 19 0.27 -21.81 2.88
C LYS B 19 0.00 -22.90 3.92
N ASN B 20 1.06 -23.34 4.61
CA ASN B 20 0.98 -24.46 5.55
C ASN B 20 1.53 -24.02 6.90
N GLN B 21 0.66 -24.01 7.91
CA GLN B 21 1.06 -23.61 9.26
C GLN B 21 1.91 -24.69 9.95
N GLY B 22 1.89 -25.92 9.44
CA GLY B 22 2.74 -26.95 10.01
C GLY B 22 2.28 -27.40 11.38
N GLN B 23 3.24 -27.52 12.28
CA GLN B 23 3.02 -28.02 13.64
C GLN B 23 2.77 -26.90 14.65
N CYS B 24 2.56 -25.68 14.19
CA CYS B 24 2.45 -24.50 15.03
C CYS B 24 0.98 -24.08 15.08
N GLY B 25 0.48 -23.79 16.28
CA GLY B 25 -0.90 -23.36 16.42
C GLY B 25 -1.05 -21.90 16.05
N SER B 26 -0.86 -21.59 14.76
CA SER B 26 -0.83 -20.21 14.26
C SER B 26 -1.93 -19.94 13.23
N CYS B 27 -3.03 -20.70 13.26
CA CYS B 27 -4.13 -20.45 12.33
C CYS B 27 -4.65 -19.02 12.47
N TRP B 28 -4.71 -18.51 13.69
CA TRP B 28 -5.15 -17.14 13.92
C TRP B 28 -4.25 -16.14 13.20
N ALA B 29 -2.96 -16.44 13.09
CA ALA B 29 -2.04 -15.51 12.43
C ALA B 29 -2.24 -15.54 10.92
N PHE B 30 -2.46 -16.73 10.35
CA PHE B 30 -2.74 -16.82 8.93
C PHE B 30 -4.09 -16.21 8.58
N SER B 31 -5.11 -16.47 9.40
CA SER B 31 -6.43 -15.93 9.13
C SER B 31 -6.42 -14.42 9.15
N SER B 32 -5.80 -13.83 10.17
CA SER B 32 -5.77 -12.38 10.28
C SER B 32 -4.87 -11.77 9.20
N ALA B 33 -3.75 -12.43 8.89
CA ALA B 33 -2.87 -11.90 7.84
C ALA B 33 -3.58 -11.87 6.50
N GLY B 34 -4.35 -12.90 6.19
CA GLY B 34 -5.07 -12.93 4.93
C GLY B 34 -6.18 -11.90 4.86
N ALA B 35 -6.80 -11.58 6.00
CA ALA B 35 -7.76 -10.48 6.02
C ALA B 35 -7.06 -9.16 5.73
N LEU B 36 -5.89 -8.94 6.33
CA LEU B 36 -5.13 -7.73 6.03
C LEU B 36 -4.68 -7.70 4.58
N GLU B 37 -4.25 -8.85 4.03
CA GLU B 37 -3.94 -8.92 2.61
C GLU B 37 -5.13 -8.50 1.76
N GLY B 38 -6.35 -8.82 2.21
CA GLY B 38 -7.52 -8.42 1.44
C GLY B 38 -7.77 -6.93 1.49
N GLN B 39 -7.67 -6.34 2.68
CA GLN B 39 -7.90 -4.91 2.78
C GLN B 39 -6.77 -4.10 2.16
N LEU B 40 -5.54 -4.64 2.16
CA LEU B 40 -4.47 -3.97 1.44
C LEU B 40 -4.77 -3.92 -0.05
N LYS B 41 -5.32 -5.01 -0.60
CA LYS B 41 -5.67 -5.02 -2.01
C LYS B 41 -6.78 -4.01 -2.32
N LYS B 42 -7.84 -3.99 -1.50
CA LYS B 42 -8.97 -3.11 -1.75
C LYS B 42 -8.55 -1.63 -1.71
N LYS B 43 -7.67 -1.27 -0.77
CA LYS B 43 -7.30 0.13 -0.59
C LYS B 43 -6.13 0.58 -1.47
N THR B 44 -5.31 -0.35 -1.95
CA THR B 44 -4.10 -0.02 -2.72
C THR B 44 -4.12 -0.56 -4.14
N GLY B 45 -4.69 -1.75 -4.35
CA GLY B 45 -4.60 -2.44 -5.60
C GLY B 45 -3.44 -3.41 -5.73
N LYS B 46 -2.58 -3.48 -4.71
CA LYS B 46 -1.47 -4.42 -4.70
C LYS B 46 -1.83 -5.60 -3.80
N LEU B 47 -1.52 -6.81 -4.27
CA LEU B 47 -1.67 -8.02 -3.47
C LEU B 47 -0.30 -8.40 -2.96
N LEU B 48 -0.05 -8.19 -1.67
CA LEU B 48 1.23 -8.45 -1.05
C LEU B 48 1.02 -9.38 0.13
N ALA B 49 1.65 -10.54 0.10
CA ALA B 49 1.57 -11.49 1.19
C ALA B 49 2.22 -10.89 2.44
N LEU B 50 1.52 -11.00 3.56
CA LEU B 50 1.97 -10.45 4.83
C LEU B 50 2.47 -11.57 5.74
N SER B 51 3.11 -11.19 6.84
CA SER B 51 3.88 -12.14 7.64
C SER B 51 3.05 -12.63 8.82
N PRO B 52 2.55 -13.87 8.81
CA PRO B 52 1.95 -14.39 10.05
C PRO B 52 2.98 -14.59 11.15
N GLN B 53 4.23 -14.88 10.78
CA GLN B 53 5.31 -15.00 11.75
C GLN B 53 5.44 -13.73 12.58
N ASN B 54 5.37 -12.56 11.93
CA ASN B 54 5.32 -11.30 12.63
C ASN B 54 4.30 -11.37 13.77
N LEU B 55 3.11 -11.90 13.47
CA LEU B 55 2.06 -11.91 14.48
C LEU B 55 2.33 -12.96 15.53
N VAL B 56 2.77 -14.15 15.11
CA VAL B 56 3.09 -15.23 16.05
C VAL B 56 4.11 -14.77 17.08
N ASP B 57 5.11 -14.00 16.63
CA ASP B 57 6.23 -13.65 17.51
C ASP B 57 5.90 -12.44 18.36
N CYS B 58 5.23 -11.44 17.80
CA CYS B 58 5.16 -10.13 18.42
C CYS B 58 3.82 -9.78 19.07
N VAL B 59 2.77 -10.57 18.83
CA VAL B 59 1.48 -10.30 19.48
C VAL B 59 1.57 -10.84 20.90
N THR B 60 2.02 -10.00 21.82
CA THR B 60 2.41 -10.47 23.16
C THR B 60 1.23 -10.93 23.99
N GLU B 61 0.00 -10.54 23.64
CA GLU B 61 -1.19 -10.95 24.37
C GLU B 61 -1.73 -12.30 23.88
N ASN B 62 -1.20 -12.84 22.78
CA ASN B 62 -1.42 -14.20 22.34
C ASN B 62 -0.20 -15.06 22.70
N TYR B 63 -0.36 -16.37 22.54
CA TYR B 63 0.64 -17.35 22.96
C TYR B 63 1.39 -17.95 21.78
N GLY B 64 1.55 -17.20 20.70
CA GLY B 64 2.31 -17.65 19.54
C GLY B 64 1.84 -18.99 19.00
N CYS B 65 2.73 -19.99 19.00
CA CYS B 65 2.34 -21.33 18.58
C CYS B 65 1.44 -22.02 19.59
N GLY B 66 1.19 -21.42 20.76
CA GLY B 66 0.19 -21.89 21.69
C GLY B 66 -1.19 -21.32 21.46
N GLY B 67 -1.43 -20.61 20.37
CA GLY B 67 -2.75 -20.15 19.99
C GLY B 67 -2.93 -18.65 20.20
N GLY B 68 -4.07 -18.16 19.72
CA GLY B 68 -4.36 -16.75 19.84
C GLY B 68 -5.69 -16.43 19.17
N TYR B 69 -6.07 -15.16 19.26
CA TYR B 69 -7.29 -14.64 18.65
C TYR B 69 -6.95 -13.71 17.50
N MET B 70 -7.83 -13.66 16.50
CA MET B 70 -7.63 -12.72 15.40
C MET B 70 -7.88 -11.29 15.83
N THR B 71 -8.72 -11.07 16.84
CA THR B 71 -8.98 -9.71 17.31
C THR B 71 -7.72 -9.09 17.87
N THR B 72 -6.92 -9.89 18.58
CA THR B 72 -5.69 -9.39 19.19
C THR B 72 -4.65 -9.09 18.13
N ALA B 73 -4.58 -9.90 17.09
CA ALA B 73 -3.62 -9.65 16.01
C ALA B 73 -3.85 -8.27 15.41
N PHE B 74 -5.11 -7.92 15.16
CA PHE B 74 -5.42 -6.61 14.61
C PHE B 74 -5.05 -5.50 15.58
N GLN B 75 -5.37 -5.68 16.87
CA GLN B 75 -4.92 -4.73 17.89
C GLN B 75 -3.42 -4.54 17.85
N TYR B 76 -2.67 -5.62 17.62
CA TYR B 76 -1.21 -5.47 17.54
C TYR B 76 -0.83 -4.56 16.39
N VAL B 77 -1.31 -4.87 15.18
CA VAL B 77 -0.95 -4.08 14.00
C VAL B 77 -1.37 -2.63 14.18
N GLN B 78 -2.46 -2.39 14.90
CA GLN B 78 -2.88 -1.01 15.17
C GLN B 78 -1.91 -0.34 16.14
N GLN B 79 -1.83 -0.87 17.36
CA GLN B 79 -0.96 -0.29 18.38
C GLN B 79 0.50 -0.29 17.91
N ASN B 80 0.95 -1.40 17.35
CA ASN B 80 2.34 -1.48 16.90
C ASN B 80 2.61 -0.57 15.70
N GLY B 81 1.58 -0.20 14.96
CA GLY B 81 1.77 0.71 13.85
C GLY B 81 2.30 0.08 12.59
N GLY B 82 2.09 -1.21 12.40
CA GLY B 82 2.46 -1.83 11.15
C GLY B 82 2.61 -3.33 11.30
N ILE B 83 2.86 -3.97 10.14
CA ILE B 83 3.13 -5.39 10.05
C ILE B 83 4.00 -5.61 8.83
N ASP B 84 5.01 -6.46 8.97
CA ASP B 84 5.94 -6.70 7.88
C ASP B 84 5.33 -7.62 6.83
N SER B 85 6.02 -7.71 5.69
CA SER B 85 5.61 -8.61 4.64
C SER B 85 6.14 -10.01 4.91
N GLU B 86 5.52 -11.00 4.26
CA GLU B 86 6.03 -12.37 4.32
C GLU B 86 7.45 -12.43 3.80
N ASP B 87 7.78 -11.62 2.80
CA ASP B 87 9.12 -11.68 2.22
C ASP B 87 10.17 -11.17 3.21
N ALA B 88 9.89 -10.06 3.88
CA ALA B 88 10.81 -9.49 4.87
C ALA B 88 10.79 -10.21 6.21
N TYR B 89 9.81 -11.09 6.46
CA TYR B 89 9.65 -11.74 7.76
C TYR B 89 9.03 -13.11 7.52
N PRO B 90 9.77 -14.02 6.89
CA PRO B 90 9.19 -15.29 6.45
C PRO B 90 8.73 -16.17 7.60
N TYR B 91 7.87 -17.12 7.25
CA TYR B 91 7.24 -18.00 8.22
C TYR B 91 8.11 -19.23 8.48
N VAL B 92 8.29 -19.58 9.75
CA VAL B 92 9.14 -20.69 10.15
C VAL B 92 8.41 -21.75 10.97
N GLY B 93 7.18 -21.51 11.40
CA GLY B 93 6.41 -22.53 12.09
C GLY B 93 6.92 -22.89 13.47
N GLN B 94 7.39 -21.90 14.22
CA GLN B 94 7.94 -22.13 15.54
C GLN B 94 7.97 -20.81 16.28
N ASP B 95 8.06 -20.88 17.60
CA ASP B 95 8.17 -19.69 18.43
C ASP B 95 9.58 -19.11 18.35
N GLU B 96 9.66 -17.78 18.43
CA GLU B 96 10.96 -17.11 18.48
C GLU B 96 10.75 -15.67 18.92
N SER B 97 11.87 -14.98 19.16
CA SER B 97 11.80 -13.61 19.62
C SER B 97 11.23 -12.71 18.54
N CYS B 98 10.65 -11.59 18.97
CA CYS B 98 10.09 -10.64 18.03
C CYS B 98 11.21 -10.02 17.20
N MET B 99 10.96 -9.89 15.90
CA MET B 99 11.92 -9.35 14.95
C MET B 99 11.25 -8.33 14.04
N TYR B 100 10.20 -7.66 14.53
CA TYR B 100 9.48 -6.69 13.73
C TYR B 100 10.43 -5.60 13.27
N ASN B 101 10.49 -5.43 11.95
CA ASN B 101 11.32 -4.43 11.29
C ASN B 101 10.39 -3.31 10.82
N ALA B 102 10.44 -2.19 11.53
CA ALA B 102 9.51 -1.09 11.25
C ALA B 102 9.74 -0.49 9.87
N THR B 103 10.99 -0.43 9.41
CA THR B 103 11.23 0.18 8.10
C THR B 103 10.74 -0.71 6.97
N ALA B 104 10.52 -2.00 7.23
CA ALA B 104 9.99 -2.92 6.23
C ALA B 104 8.50 -3.18 6.39
N LYS B 105 7.79 -2.31 7.12
CA LYS B 105 6.35 -2.49 7.28
C LYS B 105 5.67 -2.38 5.92
N ALA B 106 4.62 -3.16 5.73
CA ALA B 106 3.90 -3.22 4.47
C ALA B 106 2.40 -3.00 4.61
N ALA B 107 1.88 -2.80 5.81
CA ALA B 107 0.46 -2.58 6.01
C ALA B 107 0.24 -2.08 7.43
N LYS B 108 -0.78 -1.27 7.61
CA LYS B 108 -1.22 -0.77 8.89
C LYS B 108 -2.65 -1.24 9.15
N CYS B 109 -3.22 -0.82 10.27
CA CYS B 109 -4.55 -1.26 10.66
C CYS B 109 -5.13 -0.25 11.64
N ARG B 110 -6.27 0.33 11.29
CA ARG B 110 -6.92 1.34 12.09
C ARG B 110 -7.95 0.76 13.08
N GLY B 111 -7.94 -0.55 13.30
CA GLY B 111 -8.82 -1.21 14.24
C GLY B 111 -9.48 -2.43 13.62
N TYR B 112 -10.53 -2.90 14.28
CA TYR B 112 -11.28 -4.05 13.78
C TYR B 112 -12.73 -3.92 14.24
N ARG B 113 -13.62 -4.57 13.49
CA ARG B 113 -15.05 -4.61 13.80
C ARG B 113 -15.48 -6.07 13.76
N GLU B 114 -16.16 -6.52 14.81
CA GLU B 114 -16.57 -7.92 14.93
C GLU B 114 -17.92 -8.16 14.26
N ILE B 115 -18.10 -9.38 13.76
CA ILE B 115 -19.37 -9.76 13.14
C ILE B 115 -20.35 -10.14 14.25
N PRO B 116 -21.62 -9.73 14.18
CA PRO B 116 -22.56 -10.14 15.24
C PRO B 116 -22.72 -11.66 15.31
N VAL B 117 -22.69 -12.18 16.53
CA VAL B 117 -22.65 -13.62 16.75
C VAL B 117 -23.92 -14.27 16.23
N GLY B 118 -23.76 -15.30 15.40
CA GLY B 118 -24.85 -16.11 14.91
C GLY B 118 -25.47 -15.65 13.61
N ASN B 119 -25.24 -14.41 13.21
CA ASN B 119 -25.93 -13.81 12.05
C ASN B 119 -25.12 -14.13 10.81
N GLU B 120 -25.59 -15.11 10.02
CA GLU B 120 -24.94 -15.41 8.76
C GLU B 120 -25.26 -14.37 7.69
N LYS B 121 -26.43 -13.74 7.76
CA LYS B 121 -26.72 -12.63 6.84
C LYS B 121 -25.71 -11.51 7.03
N ALA B 122 -25.36 -11.23 8.28
CA ALA B 122 -24.40 -10.16 8.56
C ALA B 122 -23.03 -10.51 8.00
N LEU B 123 -22.61 -11.77 8.17
CA LEU B 123 -21.34 -12.20 7.57
C LEU B 123 -21.40 -12.06 6.05
N LYS B 124 -22.47 -12.53 5.44
CA LYS B 124 -22.64 -12.36 4.00
C LYS B 124 -22.54 -10.90 3.62
N ARG B 125 -23.21 -10.03 4.37
CA ARG B 125 -23.14 -8.60 4.10
C ARG B 125 -21.71 -8.10 4.24
N ALA B 126 -21.04 -8.47 5.34
CA ALA B 126 -19.66 -8.05 5.56
C ALA B 126 -18.73 -8.56 4.48
N VAL B 127 -18.86 -9.83 4.11
CA VAL B 127 -18.01 -10.37 3.06
C VAL B 127 -18.21 -9.63 1.74
N ALA B 128 -19.42 -9.11 1.51
CA ALA B 128 -19.72 -8.47 0.23
C ALA B 128 -19.15 -7.05 0.15
N ARG B 129 -19.29 -6.26 1.22
CA ARG B 129 -18.82 -4.87 1.22
C ARG B 129 -17.37 -4.73 1.66
N VAL B 130 -16.90 -5.58 2.56
CA VAL B 130 -15.54 -5.46 3.10
C VAL B 130 -14.57 -6.23 2.23
N GLY B 131 -14.68 -7.56 2.27
CA GLY B 131 -13.66 -8.39 1.69
C GLY B 131 -13.56 -9.69 2.43
N PRO B 132 -12.43 -10.39 2.27
CA PRO B 132 -12.23 -11.63 3.04
C PRO B 132 -12.27 -11.38 4.54
N ILE B 133 -12.99 -12.24 5.24
CA ILE B 133 -13.28 -12.09 6.67
C ILE B 133 -12.62 -13.24 7.43
N SER B 134 -11.97 -12.91 8.55
CA SER B 134 -11.45 -13.94 9.43
C SER B 134 -12.58 -14.53 10.25
N VAL B 135 -12.66 -15.86 10.28
CA VAL B 135 -13.72 -16.57 11.01
C VAL B 135 -13.11 -17.74 11.77
N SER B 136 -13.83 -18.15 12.81
CA SER B 136 -13.48 -19.29 13.64
C SER B 136 -14.49 -20.39 13.42
N ILE B 137 -14.03 -21.64 13.36
CA ILE B 137 -14.91 -22.80 13.18
C ILE B 137 -14.44 -23.94 14.08
N ASP B 138 -15.25 -24.99 14.12
CA ASP B 138 -14.90 -26.25 14.78
C ASP B 138 -14.40 -27.17 13.68
N ALA B 139 -13.08 -27.26 13.54
CA ALA B 139 -12.44 -28.05 12.51
C ALA B 139 -11.93 -29.39 13.03
N SER B 140 -12.43 -29.84 14.18
CA SER B 140 -11.83 -30.99 14.85
C SER B 140 -12.31 -32.34 14.35
N LEU B 141 -13.37 -32.41 13.56
CA LEU B 141 -13.90 -33.69 13.12
C LEU B 141 -13.03 -34.28 12.02
N ALA B 142 -12.98 -35.62 12.00
CA ALA B 142 -12.24 -36.30 10.94
C ALA B 142 -12.84 -36.00 9.57
N SER B 143 -14.16 -35.84 9.49
CA SER B 143 -14.80 -35.55 8.22
C SER B 143 -14.32 -34.24 7.62
N PHE B 144 -13.79 -33.33 8.44
CA PHE B 144 -13.15 -32.10 8.00
C PHE B 144 -11.68 -32.30 7.66
N GLN B 145 -11.01 -33.27 8.29
CA GLN B 145 -9.61 -33.50 7.95
C GLN B 145 -9.49 -34.20 6.60
N PHE B 146 -10.43 -35.07 6.28
CA PHE B 146 -10.43 -35.85 5.04
C PHE B 146 -11.33 -35.24 3.98
N TYR B 147 -11.76 -34.00 4.17
CA TYR B 147 -12.58 -33.30 3.18
C TYR B 147 -11.89 -33.25 1.82
N SER B 148 -12.68 -33.37 0.75
CA SER B 148 -12.17 -33.37 -0.61
C SER B 148 -12.96 -32.41 -1.49
N ARG B 149 -14.24 -32.73 -1.72
CA ARG B 149 -15.10 -32.05 -2.68
C ARG B 149 -16.36 -31.57 -1.99
N GLY B 150 -17.24 -30.95 -2.76
CA GLY B 150 -18.58 -30.66 -2.32
C GLY B 150 -18.67 -29.64 -1.19
N VAL B 151 -19.86 -29.52 -0.65
CA VAL B 151 -20.15 -28.58 0.42
C VAL B 151 -20.14 -29.34 1.73
N TYR B 152 -19.26 -28.95 2.63
CA TYR B 152 -19.10 -29.68 3.87
C TYR B 152 -20.25 -29.38 4.81
N TYR B 153 -20.88 -30.43 5.31
CA TYR B 153 -21.84 -30.33 6.39
C TYR B 153 -21.78 -31.61 7.20
N ASP B 154 -21.77 -31.47 8.52
CA ASP B 154 -21.68 -32.61 9.42
C ASP B 154 -22.47 -32.28 10.68
N GLU B 155 -23.47 -33.14 10.99
CA GLU B 155 -24.36 -32.87 12.12
C GLU B 155 -23.60 -32.73 13.43
N ASN B 156 -22.48 -33.44 13.60
CA ASN B 156 -21.71 -33.46 14.84
C ASN B 156 -20.77 -32.26 15.00
N CYS B 157 -20.84 -31.27 14.10
CA CYS B 157 -19.94 -30.12 14.19
C CYS B 157 -20.41 -29.24 15.36
N ASP B 158 -19.53 -29.02 16.32
CA ASP B 158 -19.85 -28.25 17.53
C ASP B 158 -20.07 -26.80 17.14
N ARG B 159 -21.32 -26.40 17.05
CA ARG B 159 -21.65 -25.01 16.69
C ARG B 159 -21.63 -24.08 17.90
N ASP B 160 -21.08 -24.49 19.05
CA ASP B 160 -20.94 -23.65 20.23
C ASP B 160 -19.49 -23.32 20.56
N ASN B 161 -18.63 -24.33 20.64
CA ASN B 161 -17.21 -24.14 20.87
C ASN B 161 -16.48 -24.32 19.55
N VAL B 162 -15.88 -23.25 19.06
CA VAL B 162 -15.04 -23.29 17.86
C VAL B 162 -13.60 -23.39 18.31
N ASN B 163 -12.73 -23.80 17.37
CA ASN B 163 -11.36 -24.18 17.72
C ASN B 163 -10.33 -23.90 16.64
N HIS B 164 -10.70 -23.34 15.49
CA HIS B 164 -9.77 -23.18 14.37
C HIS B 164 -10.14 -21.94 13.58
N ALA B 165 -9.13 -21.18 13.17
CA ALA B 165 -9.31 -19.98 12.38
C ALA B 165 -9.11 -20.28 10.90
N VAL B 166 -9.95 -19.68 10.06
CA VAL B 166 -9.80 -19.77 8.61
C VAL B 166 -10.17 -18.41 8.03
N LEU B 167 -10.32 -18.33 6.71
CA LEU B 167 -10.62 -17.08 6.04
C LEU B 167 -11.71 -17.30 5.02
N VAL B 168 -12.85 -16.61 5.18
CA VAL B 168 -13.94 -16.65 4.21
C VAL B 168 -13.54 -15.74 3.05
N VAL B 169 -13.33 -16.31 1.86
CA VAL B 169 -12.97 -15.55 0.68
C VAL B 169 -14.12 -15.46 -0.32
N GLY B 170 -15.34 -15.72 0.12
CA GLY B 170 -16.49 -15.63 -0.78
C GLY B 170 -17.59 -16.58 -0.35
N TYR B 171 -18.69 -16.52 -1.11
CA TYR B 171 -19.84 -17.38 -0.89
C TYR B 171 -20.57 -17.55 -2.22
N GLY B 172 -21.38 -18.60 -2.30
CA GLY B 172 -22.10 -18.91 -3.53
C GLY B 172 -23.01 -20.10 -3.36
N THR B 173 -23.15 -20.91 -4.41
CA THR B 173 -23.98 -22.11 -4.39
C THR B 173 -23.35 -23.16 -5.27
N GLN B 174 -23.59 -24.43 -4.93
CA GLN B 174 -23.04 -25.55 -5.68
C GLN B 174 -24.02 -26.71 -5.60
N LYS B 175 -24.53 -27.12 -6.76
CA LYS B 175 -25.42 -28.29 -6.86
C LYS B 175 -26.63 -28.16 -5.93
N GLY B 176 -27.06 -26.92 -5.66
CA GLY B 176 -28.30 -26.65 -4.96
C GLY B 176 -28.15 -26.14 -3.55
N SER B 177 -26.97 -26.28 -2.93
CA SER B 177 -26.76 -25.91 -1.54
C SER B 177 -25.88 -24.66 -1.46
N LYS B 178 -26.33 -23.68 -0.68
CA LYS B 178 -25.54 -22.47 -0.46
C LYS B 178 -24.36 -22.79 0.44
N HIS B 179 -23.25 -22.07 0.23
CA HIS B 179 -22.00 -22.40 0.88
C HIS B 179 -21.18 -21.15 1.13
N TRP B 180 -20.25 -21.28 2.07
CA TRP B 180 -19.13 -20.34 2.26
C TRP B 180 -17.92 -20.87 1.51
N ILE B 181 -17.05 -19.95 1.10
CA ILE B 181 -15.77 -20.31 0.47
C ILE B 181 -14.67 -19.93 1.46
N ILE B 182 -14.08 -20.93 2.10
CA ILE B 182 -13.10 -20.71 3.16
C ILE B 182 -11.72 -21.15 2.67
N LYS B 183 -10.71 -20.36 3.04
CA LYS B 183 -9.31 -20.69 2.78
C LYS B 183 -8.69 -21.18 4.07
N ASN B 184 -8.04 -22.33 3.99
CA ASN B 184 -7.35 -22.94 5.11
C ASN B 184 -5.85 -22.76 4.98
N SER B 185 -5.14 -23.03 6.08
CA SER B 185 -3.68 -22.90 6.16
C SER B 185 -3.04 -24.26 6.41
N TRP B 186 -3.62 -25.31 5.84
CA TRP B 186 -3.12 -26.67 6.00
C TRP B 186 -2.45 -27.19 4.73
N GLY B 187 -2.00 -26.30 3.86
CA GLY B 187 -1.36 -26.69 2.61
C GLY B 187 -2.37 -27.00 1.51
N GLU B 188 -1.87 -26.96 0.28
CA GLU B 188 -2.69 -27.30 -0.89
C GLU B 188 -3.09 -28.76 -0.90
N SER B 189 -2.36 -29.62 -0.18
CA SER B 189 -2.64 -31.05 -0.15
C SER B 189 -3.87 -31.39 0.67
N TRP B 190 -4.38 -30.46 1.48
CA TRP B 190 -5.62 -30.65 2.21
C TRP B 190 -6.82 -30.13 1.40
N GLY B 191 -7.94 -30.83 1.53
CA GLY B 191 -9.18 -30.30 1.01
C GLY B 191 -9.15 -30.28 -0.49
N ASN B 192 -9.53 -29.13 -1.04
CA ASN B 192 -9.60 -28.89 -2.48
C ASN B 192 -8.55 -27.84 -2.80
N LYS B 193 -7.32 -28.30 -3.03
CA LYS B 193 -6.18 -27.42 -3.30
C LYS B 193 -6.00 -26.39 -2.19
N GLY B 194 -6.34 -26.78 -0.94
CA GLY B 194 -6.24 -25.91 0.20
C GLY B 194 -7.52 -25.20 0.61
N TYR B 195 -8.58 -25.29 -0.20
CA TYR B 195 -9.83 -24.59 0.01
C TYR B 195 -10.94 -25.57 0.32
N ALA B 196 -12.01 -25.05 0.91
CA ALA B 196 -13.20 -25.86 1.17
C ALA B 196 -14.46 -25.03 0.99
N LEU B 197 -15.58 -25.73 0.88
CA LEU B 197 -16.91 -25.13 0.86
C LEU B 197 -17.67 -25.60 2.08
N LEU B 198 -18.04 -24.65 2.95
CA LEU B 198 -18.80 -24.91 4.17
C LEU B 198 -20.26 -24.49 3.99
N ALA B 199 -21.16 -25.26 4.60
CA ALA B 199 -22.59 -25.02 4.46
C ALA B 199 -22.98 -23.65 4.97
N ARG B 200 -23.77 -22.93 4.17
CA ARG B 200 -24.22 -21.59 4.49
C ARG B 200 -25.72 -21.60 4.75
N ASN B 201 -26.14 -20.79 5.73
CA ASN B 201 -27.54 -20.70 6.16
C ASN B 201 -28.10 -22.04 6.64
N LYS B 202 -27.24 -23.02 6.96
CA LYS B 202 -27.66 -24.27 7.60
C LYS B 202 -27.55 -24.16 9.11
N ASN B 203 -28.03 -23.04 9.66
CA ASN B 203 -28.08 -22.77 11.10
C ASN B 203 -26.67 -22.70 11.70
N ASN B 204 -25.88 -21.74 11.21
CA ASN B 204 -24.56 -21.43 11.78
C ASN B 204 -23.71 -22.68 11.87
N ALA B 205 -23.59 -23.39 10.74
CA ALA B 205 -22.87 -24.64 10.71
C ALA B 205 -21.43 -24.47 11.17
N CYS B 206 -21.02 -25.29 12.14
CA CYS B 206 -19.70 -25.29 12.75
C CYS B 206 -19.37 -23.98 13.46
N GLY B 207 -20.38 -23.19 13.80
CA GLY B 207 -20.16 -21.93 14.52
C GLY B 207 -19.36 -20.89 13.76
N ILE B 208 -19.54 -20.81 12.45
CA ILE B 208 -18.70 -19.95 11.62
C ILE B 208 -18.83 -18.47 11.96
N THR B 209 -19.95 -18.04 12.54
CA THR B 209 -20.16 -16.67 12.96
C THR B 209 -19.95 -16.45 14.46
N ASN B 210 -19.50 -17.47 15.19
CA ASN B 210 -19.31 -17.32 16.63
C ASN B 210 -18.15 -16.39 16.97
N MET B 211 -17.20 -16.21 16.06
CA MET B 211 -16.04 -15.38 16.36
C MET B 211 -15.38 -14.92 15.07
N ALA B 212 -16.11 -14.14 14.26
CA ALA B 212 -15.59 -13.61 13.01
C ALA B 212 -15.28 -12.12 13.14
N SER B 213 -14.24 -11.70 12.44
CA SER B 213 -13.73 -10.34 12.57
C SER B 213 -13.09 -9.91 11.26
N PHE B 214 -12.84 -8.62 11.13
CA PHE B 214 -12.07 -8.09 10.00
C PHE B 214 -11.37 -6.82 10.45
N PRO B 215 -10.25 -6.46 9.79
CA PRO B 215 -9.57 -5.22 10.16
C PRO B 215 -10.06 -4.03 9.36
N LYS B 216 -9.86 -2.86 9.95
CA LYS B 216 -10.10 -1.58 9.30
C LYS B 216 -8.75 -1.03 8.85
N MET B 217 -8.66 -0.61 7.58
CA MET B 217 -7.49 0.09 7.06
C MET B 217 -7.85 1.52 6.71
N GLY C 6 -15.41 -19.25 29.56
CA GLY C 6 -15.01 -18.37 28.47
C GLY C 6 -14.65 -19.10 27.19
N PRO C 7 -14.44 -18.35 26.08
CA PRO C 7 -14.12 -19.01 24.80
C PRO C 7 -12.63 -19.20 24.61
N ARG C 8 -12.19 -20.46 24.55
CA ARG C 8 -10.78 -20.83 24.41
C ARG C 8 -10.09 -20.12 23.25
N MET C 9 -8.76 -20.23 23.18
CA MET C 9 -7.97 -19.70 22.09
C MET C 9 -7.82 -20.72 20.98
N LEU C 10 -7.70 -20.21 19.75
CA LEU C 10 -7.60 -21.05 18.57
C LEU C 10 -6.16 -21.55 18.43
N GLY C 11 -6.00 -22.86 18.30
CA GLY C 11 -4.70 -23.47 18.18
C GLY C 11 -4.01 -23.81 19.49
N ALA C 12 -4.68 -23.61 20.62
CA ALA C 12 -4.04 -23.88 21.89
C ALA C 12 -4.17 -25.36 22.24
N PRO C 13 -3.18 -25.94 22.92
CA PRO C 13 -3.33 -27.34 23.34
C PRO C 13 -4.45 -27.50 24.35
N GLU C 14 -5.02 -28.70 24.37
CA GLU C 14 -6.12 -29.05 25.25
C GLU C 14 -5.98 -30.50 25.69
N GLU C 15 -6.51 -30.80 26.87
CA GLU C 15 -6.53 -32.17 27.36
C GLU C 15 -7.30 -33.07 26.41
N ALA C 16 -6.86 -34.33 26.31
CA ALA C 16 -7.41 -35.29 25.36
C ALA C 16 -7.81 -36.57 26.08
N ASP C 17 -8.95 -37.11 25.67
CA ASP C 17 -9.33 -38.45 26.11
C ASP C 17 -8.45 -39.47 25.42
N ALA C 18 -7.87 -40.38 26.21
CA ALA C 18 -6.89 -41.33 25.70
C ALA C 18 -7.52 -42.48 24.91
N ASN C 19 -8.85 -42.54 24.81
CA ASN C 19 -9.54 -43.59 24.07
C ASN C 19 -9.93 -43.16 22.66
N GLU C 20 -9.51 -41.98 22.20
CA GLU C 20 -9.90 -41.53 20.88
C GLU C 20 -9.21 -42.35 19.81
N GLU C 21 -9.85 -42.41 18.63
CA GLU C 21 -9.27 -43.11 17.49
C GLU C 21 -7.98 -42.45 16.99
N GLY C 22 -7.63 -41.27 17.51
CA GLY C 22 -6.40 -40.57 17.14
C GLY C 22 -5.33 -40.66 18.22
N VAL C 23 -5.74 -40.67 19.48
CA VAL C 23 -4.77 -40.81 20.56
C VAL C 23 -4.24 -42.24 20.62
N ARG C 24 -5.13 -43.24 20.49
CA ARG C 24 -4.68 -44.62 20.43
C ARG C 24 -3.68 -44.83 19.31
N ARG C 25 -3.94 -44.21 18.16
CA ARG C 25 -3.10 -44.41 17.01
C ARG C 25 -1.78 -43.68 17.16
N ALA C 26 -1.79 -42.53 17.82
CA ALA C 26 -0.53 -41.86 18.14
C ALA C 26 0.25 -42.64 19.17
N LEU C 27 -0.45 -43.32 20.09
CA LEU C 27 0.23 -44.11 21.11
C LEU C 27 0.90 -45.33 20.50
N ASP C 28 0.15 -46.09 19.69
CA ASP C 28 0.73 -47.26 19.04
C ASP C 28 1.92 -46.87 18.17
N PHE C 29 1.90 -45.66 17.63
CA PHE C 29 3.06 -45.14 16.91
C PHE C 29 4.25 -44.90 17.84
N ALA C 30 3.98 -44.28 18.99
CA ALA C 30 5.05 -44.03 19.96
C ALA C 30 5.71 -45.33 20.39
N VAL C 31 4.89 -46.34 20.75
CA VAL C 31 5.39 -47.63 21.17
C VAL C 31 6.27 -48.24 20.09
N SER C 32 5.82 -48.16 18.84
CA SER C 32 6.58 -48.76 17.75
C SER C 32 7.96 -48.14 17.61
N GLU C 33 8.05 -46.80 17.69
CA GLU C 33 9.34 -46.14 17.61
C GLU C 33 10.14 -46.34 18.88
N TYR C 34 9.47 -46.47 20.02
CA TYR C 34 10.18 -46.75 21.27
C TYR C 34 10.93 -48.06 21.17
N ASN C 35 10.24 -49.12 20.76
CA ASN C 35 10.90 -50.42 20.68
C ASN C 35 12.05 -50.41 19.70
N LYS C 36 11.94 -49.61 18.64
CA LYS C 36 13.05 -49.49 17.70
C LYS C 36 14.21 -48.68 18.26
N GLY C 37 13.97 -47.91 19.32
CA GLY C 37 15.01 -47.08 19.92
C GLY C 37 15.47 -47.61 21.26
N SER C 38 15.32 -48.91 21.50
CA SER C 38 15.70 -49.54 22.76
C SER C 38 16.69 -50.65 22.49
N ASN C 39 17.81 -50.63 23.22
CA ASN C 39 18.74 -51.77 23.20
C ASN C 39 18.18 -52.98 23.95
N ASP C 40 17.11 -52.79 24.71
CA ASP C 40 16.52 -53.89 25.46
C ASP C 40 16.11 -55.01 24.51
N ALA C 41 16.42 -56.25 24.91
CA ALA C 41 15.96 -57.38 24.12
C ALA C 41 14.43 -57.39 24.04
N TYR C 42 13.77 -57.48 25.19
CA TYR C 42 12.32 -57.63 25.25
C TYR C 42 11.58 -56.46 24.57
N HIS C 43 10.48 -56.80 23.90
CA HIS C 43 9.53 -55.81 23.39
C HIS C 43 8.85 -55.10 24.56
N SER C 44 8.64 -53.80 24.41
CA SER C 44 7.97 -52.99 25.42
C SER C 44 6.62 -52.53 24.91
N ARG C 45 5.68 -52.38 25.84
CA ARG C 45 4.31 -51.97 25.53
C ARG C 45 3.86 -50.98 26.59
N ALA C 46 2.73 -50.34 26.32
CA ALA C 46 2.24 -49.28 27.19
C ALA C 46 1.46 -49.86 28.36
N ILE C 47 1.65 -49.27 29.54
CA ILE C 47 0.95 -49.66 30.77
C ILE C 47 -0.25 -48.75 30.93
N GLN C 48 0.00 -47.44 31.01
CA GLN C 48 -1.06 -46.47 31.11
C GLN C 48 -0.61 -45.17 30.47
N VAL C 49 -1.57 -44.30 30.25
CA VAL C 49 -1.33 -42.94 29.78
C VAL C 49 -1.54 -42.03 30.97
N VAL C 50 -0.45 -41.47 31.49
CA VAL C 50 -0.56 -40.58 32.64
C VAL C 50 -1.25 -39.28 32.24
N ARG C 51 -0.94 -38.76 31.04
CA ARG C 51 -1.53 -37.54 30.54
C ARG C 51 -1.55 -37.57 29.03
N ALA C 52 -2.64 -37.11 28.44
CA ALA C 52 -2.79 -37.00 26.99
C ALA C 52 -3.33 -35.62 26.67
N ARG C 53 -2.53 -34.82 25.95
CA ARG C 53 -2.97 -33.53 25.43
C ARG C 53 -2.93 -33.56 23.91
N LYS C 54 -3.86 -32.85 23.27
CA LYS C 54 -3.89 -32.71 21.82
C LYS C 54 -3.93 -31.23 21.46
N GLN C 55 -3.46 -30.93 20.25
CA GLN C 55 -3.45 -29.57 19.72
C GLN C 55 -3.74 -29.61 18.23
N LEU C 56 -4.69 -28.79 17.80
CA LEU C 56 -5.10 -28.74 16.40
C LEU C 56 -4.18 -27.78 15.66
N VAL C 57 -3.55 -28.28 14.59
CA VAL C 57 -2.63 -27.52 13.74
C VAL C 57 -2.94 -27.94 12.30
N ALA C 58 -1.96 -27.87 11.40
CA ALA C 58 -2.08 -28.52 10.10
C ALA C 58 -1.94 -30.03 10.31
N GLY C 59 -3.01 -30.64 10.82
CA GLY C 59 -2.96 -31.97 11.42
C GLY C 59 -3.12 -31.79 12.92
N VAL C 60 -2.66 -32.80 13.69
CA VAL C 60 -2.83 -32.80 15.15
C VAL C 60 -1.47 -33.08 15.78
N ASN C 61 -1.15 -32.33 16.84
CA ASN C 61 -0.03 -32.64 17.73
C ASN C 61 -0.57 -33.37 18.95
N TYR C 62 -0.01 -34.55 19.24
CA TYR C 62 -0.35 -35.30 20.45
C TYR C 62 0.81 -35.24 21.44
N PHE C 63 0.50 -34.82 22.66
CA PHE C 63 1.47 -34.75 23.76
C PHE C 63 1.08 -35.81 24.79
N LEU C 64 1.82 -36.93 24.79
CA LEU C 64 1.51 -38.10 25.60
C LEU C 64 2.59 -38.35 26.65
N ASP C 65 2.19 -38.33 27.93
CA ASP C 65 3.03 -38.76 29.05
C ASP C 65 2.57 -40.16 29.45
N VAL C 66 3.36 -41.17 29.11
CA VAL C 66 2.94 -42.56 29.25
C VAL C 66 3.95 -43.36 30.04
N GLU C 67 3.44 -44.34 30.78
CA GLU C 67 4.28 -45.26 31.55
C GLU C 67 4.49 -46.51 30.70
N MET C 68 5.75 -46.80 30.40
CA MET C 68 6.13 -47.94 29.58
C MET C 68 6.62 -49.07 30.49
N GLY C 69 6.54 -50.29 29.97
CA GLY C 69 6.93 -51.44 30.74
C GLY C 69 7.48 -52.57 29.89
N ARG C 70 8.46 -53.27 30.43
CA ARG C 70 9.08 -54.40 29.76
C ARG C 70 8.19 -55.62 29.92
N THR C 71 7.99 -56.34 28.81
CA THR C 71 7.19 -57.56 28.79
C THR C 71 8.11 -58.78 28.72
N THR C 72 7.49 -59.96 28.82
CA THR C 72 8.25 -61.20 28.75
C THR C 72 8.54 -61.63 27.31
N CYS C 73 7.83 -61.06 26.34
CA CYS C 73 7.94 -61.49 24.95
C CYS C 73 9.01 -60.68 24.23
N THR C 74 9.64 -61.32 23.25
CA THR C 74 10.88 -60.79 22.70
C THR C 74 10.61 -59.73 21.65
N LYS C 75 11.69 -59.02 21.26
CA LYS C 75 11.55 -57.85 20.40
C LYS C 75 10.98 -58.19 19.04
N SER C 76 11.15 -59.44 18.57
CA SER C 76 10.84 -59.80 17.19
C SER C 76 9.93 -61.02 17.10
N GLN C 77 9.02 -61.19 18.05
CA GLN C 77 8.05 -62.27 17.94
C GLN C 77 7.04 -61.95 16.84
N THR C 78 6.46 -63.00 16.27
CA THR C 78 5.50 -62.84 15.18
C THR C 78 4.14 -62.41 15.73
N ASN C 79 3.48 -63.31 16.45
CA ASN C 79 2.15 -63.04 17.01
C ASN C 79 2.29 -62.11 18.21
N LEU C 80 2.66 -60.86 17.90
CA LEU C 80 2.90 -59.84 18.92
C LEU C 80 1.58 -59.19 19.34
N THR C 81 0.67 -60.05 19.82
CA THR C 81 -0.68 -59.68 20.22
C THR C 81 -0.95 -59.91 21.71
N ASP C 82 -0.27 -60.87 22.34
CA ASP C 82 -0.29 -61.04 23.79
C ASP C 82 1.14 -60.93 24.29
N CYS C 83 1.38 -60.01 25.24
CA CYS C 83 2.71 -59.74 25.74
C CYS C 83 2.62 -59.29 27.20
N PRO C 84 2.49 -60.21 28.15
CA PRO C 84 2.28 -59.79 29.54
C PRO C 84 3.50 -59.10 30.13
N PHE C 85 3.25 -58.25 31.13
CA PHE C 85 4.33 -57.64 31.89
C PHE C 85 5.13 -58.71 32.61
N HIS C 86 6.41 -58.43 32.85
CA HIS C 86 7.30 -59.42 33.45
C HIS C 86 7.07 -59.49 34.95
N ASP C 87 7.14 -60.71 35.48
CA ASP C 87 6.79 -61.00 36.87
C ASP C 87 7.96 -60.77 37.83
N GLN C 88 9.05 -61.50 37.64
CA GLN C 88 10.17 -61.44 38.58
C GLN C 88 10.71 -60.02 38.66
N PRO C 89 11.21 -59.60 39.85
CA PRO C 89 11.81 -58.25 39.94
C PRO C 89 12.87 -57.92 38.89
N HIS C 90 13.75 -58.84 38.55
CA HIS C 90 14.77 -58.62 37.52
C HIS C 90 14.29 -59.01 36.13
N LEU C 91 13.04 -59.44 35.98
CA LEU C 91 12.42 -59.61 34.67
C LEU C 91 11.67 -58.36 34.23
N MET C 92 11.17 -57.56 35.16
CA MET C 92 10.33 -56.41 34.88
C MET C 92 11.16 -55.12 34.89
N ARG C 93 10.63 -54.10 34.20
CA ARG C 93 11.27 -52.79 34.12
C ARG C 93 10.22 -51.74 33.77
N LYS C 94 10.44 -50.51 34.22
CA LYS C 94 9.48 -49.42 34.10
C LYS C 94 10.16 -48.15 33.61
N ALA C 95 9.35 -47.25 33.06
CA ALA C 95 9.82 -45.97 32.51
C ALA C 95 8.63 -45.06 32.27
N LEU C 96 8.82 -43.77 32.52
CA LEU C 96 7.82 -42.73 32.26
C LEU C 96 8.32 -41.85 31.12
N CYS C 97 7.56 -41.83 30.02
CA CYS C 97 8.01 -41.28 28.75
C CYS C 97 7.12 -40.15 28.29
N SER C 98 7.72 -39.15 27.67
CA SER C 98 7.02 -38.02 27.07
C SER C 98 7.27 -38.08 25.57
N PHE C 99 6.19 -38.24 24.80
CA PHE C 99 6.23 -38.20 23.35
C PHE C 99 5.44 -36.99 22.84
N GLN C 100 5.96 -36.34 21.80
CA GLN C 100 5.22 -35.34 21.03
C GLN C 100 5.11 -35.85 19.60
N ILE C 101 3.90 -36.19 19.17
CA ILE C 101 3.65 -36.82 17.88
C ILE C 101 2.88 -35.85 16.99
N TYR C 102 3.39 -35.62 15.78
CA TYR C 102 2.73 -34.79 14.78
C TYR C 102 2.10 -35.71 13.74
N SER C 103 0.77 -35.73 13.71
CA SER C 103 0.01 -36.53 12.76
C SER C 103 -0.59 -35.64 11.69
N VAL C 104 -0.58 -36.11 10.44
CA VAL C 104 -1.25 -35.46 9.32
C VAL C 104 -2.23 -36.47 8.74
N PRO C 105 -3.51 -36.48 9.17
CA PRO C 105 -4.39 -37.59 8.79
C PRO C 105 -4.60 -37.75 7.29
N TRP C 106 -4.72 -36.65 6.56
CA TRP C 106 -4.98 -36.76 5.13
C TRP C 106 -3.73 -37.15 4.35
N LYS C 107 -2.54 -37.03 4.94
CA LYS C 107 -1.34 -37.63 4.37
C LYS C 107 -1.03 -39.00 4.96
N GLY C 108 -1.75 -39.41 6.01
CA GLY C 108 -1.55 -40.72 6.61
C GLY C 108 -0.24 -40.86 7.35
N THR C 109 0.37 -39.77 7.78
CA THR C 109 1.70 -39.77 8.35
C THR C 109 1.65 -39.55 9.85
N HIS C 110 2.62 -40.15 10.55
CA HIS C 110 2.92 -39.83 11.93
C HIS C 110 4.40 -39.47 12.00
N SER C 111 4.74 -38.63 12.96
CA SER C 111 6.11 -38.16 13.10
C SER C 111 6.39 -37.88 14.58
N LEU C 112 7.50 -38.39 15.07
CA LEU C 112 7.94 -38.17 16.45
C LEU C 112 8.90 -37.00 16.45
N THR C 113 8.47 -35.89 17.05
CA THR C 113 9.19 -34.63 16.98
C THR C 113 9.93 -34.29 18.25
N LYS C 114 9.47 -34.76 19.41
CA LYS C 114 10.15 -34.56 20.68
C LYS C 114 9.89 -35.80 21.52
N PHE C 115 10.95 -36.27 22.19
CA PHE C 115 10.97 -37.55 22.87
C PHE C 115 11.88 -37.42 24.08
N SER C 116 11.53 -38.10 25.16
CA SER C 116 12.24 -37.98 26.44
C SER C 116 11.72 -39.00 27.43
N CYS C 117 12.51 -40.01 27.80
CA CYS C 117 12.10 -41.03 28.78
C CYS C 117 12.95 -40.93 30.03
N LYS C 118 12.36 -41.31 31.16
CA LYS C 118 13.06 -41.40 32.44
C LYS C 118 12.52 -42.59 33.22
N ASN C 119 13.30 -43.02 34.20
CA ASN C 119 12.98 -44.21 35.00
C ASN C 119 11.79 -43.98 35.93
N ALA C 120 10.96 -45.01 36.09
CA ALA C 120 9.85 -44.99 37.03
N PRO D 7 -11.32 30.30 -9.94
CA PRO D 7 -10.73 28.99 -10.22
C PRO D 7 -9.48 29.09 -11.15
N ARG D 8 -9.63 28.91 -12.47
CA ARG D 8 -8.55 29.02 -13.45
C ARG D 8 -7.65 27.81 -13.35
N MET D 9 -7.23 27.28 -14.49
CA MET D 9 -6.34 26.13 -14.49
C MET D 9 -4.90 26.55 -14.23
N LEU D 10 -4.18 25.66 -13.56
CA LEU D 10 -2.81 25.91 -13.14
C LEU D 10 -1.88 25.30 -14.17
N GLY D 11 -0.92 26.12 -14.64
CA GLY D 11 -0.08 25.73 -15.75
C GLY D 11 -0.69 25.95 -17.11
N ALA D 12 -1.77 26.73 -17.20
CA ALA D 12 -2.40 26.98 -18.50
C ALA D 12 -1.79 28.23 -19.14
N PRO D 13 -1.40 28.21 -20.41
CA PRO D 13 -0.94 29.46 -21.04
C PRO D 13 -2.05 30.49 -21.07
N GLU D 14 -1.65 31.75 -20.92
CA GLU D 14 -2.57 32.86 -20.91
C GLU D 14 -1.95 34.04 -21.68
N GLU D 15 -2.82 34.91 -22.17
CA GLU D 15 -2.35 36.08 -22.91
C GLU D 15 -1.58 36.99 -21.96
N ALA D 16 -0.61 37.72 -22.53
CA ALA D 16 0.31 38.55 -21.77
C ALA D 16 0.50 39.88 -22.49
N ASP D 17 0.91 40.88 -21.72
CA ASP D 17 1.19 42.21 -22.26
C ASP D 17 2.64 42.29 -22.70
N ALA D 18 2.85 42.71 -23.94
CA ALA D 18 4.19 42.75 -24.53
C ALA D 18 5.12 43.75 -23.85
N ASN D 19 4.60 44.64 -23.02
CA ASN D 19 5.42 45.58 -22.28
C ASN D 19 5.99 45.00 -20.99
N GLU D 20 5.50 43.84 -20.54
CA GLU D 20 6.01 43.24 -19.31
C GLU D 20 7.51 42.98 -19.42
N GLU D 21 8.21 43.12 -18.29
CA GLU D 21 9.65 42.92 -18.26
C GLU D 21 10.03 41.55 -18.82
N GLY D 22 9.33 40.51 -18.38
CA GLY D 22 9.67 39.16 -18.84
C GLY D 22 9.47 38.97 -20.32
N VAL D 23 8.49 39.67 -20.90
CA VAL D 23 8.21 39.48 -22.32
C VAL D 23 9.22 40.23 -23.17
N ARG D 24 9.56 41.46 -22.77
CA ARG D 24 10.59 42.21 -23.49
C ARG D 24 11.91 41.44 -23.48
N ARG D 25 12.30 40.92 -22.31
CA ARG D 25 13.54 40.14 -22.21
C ARG D 25 13.48 38.91 -23.11
N ALA D 26 12.31 38.29 -23.22
CA ALA D 26 12.18 37.12 -24.08
C ALA D 26 12.21 37.51 -25.55
N LEU D 27 11.66 38.68 -25.90
CA LEU D 27 11.69 39.13 -27.28
C LEU D 27 13.11 39.41 -27.76
N ASP D 28 13.91 40.09 -26.92
CA ASP D 28 15.31 40.35 -27.27
C ASP D 28 16.06 39.06 -27.55
N PHE D 29 15.85 38.04 -26.72
CA PHE D 29 16.48 36.74 -26.96
C PHE D 29 16.04 36.15 -28.29
N ALA D 30 14.76 36.29 -28.62
CA ALA D 30 14.30 35.76 -29.90
C ALA D 30 14.96 36.49 -31.06
N VAL D 31 15.12 37.80 -30.93
CA VAL D 31 15.75 38.58 -32.00
C VAL D 31 17.20 38.14 -32.19
N SER D 32 17.94 37.96 -31.09
CA SER D 32 19.33 37.53 -31.19
C SER D 32 19.45 36.16 -31.84
N GLU D 33 18.66 35.19 -31.38
CA GLU D 33 18.68 33.86 -31.98
C GLU D 33 18.18 33.90 -33.41
N TYR D 34 17.23 34.78 -33.70
CA TYR D 34 16.72 34.89 -35.06
C TYR D 34 17.83 35.33 -36.02
N ASN D 35 18.61 36.34 -35.62
CA ASN D 35 19.71 36.78 -36.47
C ASN D 35 20.85 35.78 -36.48
N LYS D 36 21.08 35.06 -35.37
CA LYS D 36 22.21 34.13 -35.29
C LYS D 36 22.14 33.04 -36.35
N GLY D 37 20.92 32.68 -36.79
CA GLY D 37 20.73 31.64 -37.79
C GLY D 37 19.88 32.09 -38.96
N SER D 38 20.17 33.26 -39.52
CA SER D 38 19.44 33.78 -40.67
C SER D 38 20.28 33.87 -41.94
N ASN D 39 21.59 34.03 -41.83
CA ASN D 39 22.44 34.30 -42.99
C ASN D 39 21.91 35.51 -43.74
N ASP D 40 22.18 36.71 -43.20
CA ASP D 40 21.62 37.96 -43.67
C ASP D 40 22.74 38.97 -43.80
N ALA D 41 22.44 40.12 -44.42
CA ALA D 41 23.39 41.22 -44.56
C ALA D 41 23.21 42.28 -43.49
N TYR D 42 21.97 42.75 -43.32
CA TYR D 42 21.65 43.81 -42.38
C TYR D 42 20.98 43.26 -41.13
N HIS D 43 21.06 44.02 -40.05
CA HIS D 43 20.35 43.68 -38.83
C HIS D 43 18.85 43.65 -39.08
N SER D 44 18.14 42.78 -38.35
CA SER D 44 16.70 42.62 -38.50
C SER D 44 16.08 42.50 -37.12
N ARG D 45 15.38 43.55 -36.69
CA ARG D 45 14.67 43.57 -35.41
C ARG D 45 13.16 43.45 -35.63
N ALA D 46 12.39 43.60 -34.55
CA ALA D 46 10.95 43.38 -34.57
C ALA D 46 10.22 44.70 -34.72
N ILE D 47 9.14 44.67 -35.51
CA ILE D 47 8.32 45.86 -35.72
C ILE D 47 7.36 46.03 -34.56
N GLN D 48 6.66 44.95 -34.20
CA GLN D 48 5.73 44.98 -33.08
C GLN D 48 5.40 43.53 -32.72
N VAL D 49 4.88 43.36 -31.52
CA VAL D 49 4.35 42.09 -31.06
C VAL D 49 2.85 42.12 -31.29
N VAL D 50 2.34 41.16 -32.06
CA VAL D 50 0.91 41.08 -32.37
C VAL D 50 0.16 40.13 -31.43
N ARG D 51 0.86 39.24 -30.73
CA ARG D 51 0.22 38.38 -29.75
C ARG D 51 1.29 37.77 -28.87
N ALA D 52 1.08 37.83 -27.56
CA ALA D 52 2.01 37.30 -26.58
C ALA D 52 1.23 36.48 -25.57
N ARG D 53 1.71 35.27 -25.31
CA ARG D 53 1.17 34.42 -24.25
C ARG D 53 2.31 33.93 -23.37
N LYS D 54 2.05 33.84 -22.07
CA LYS D 54 2.98 33.28 -21.10
C LYS D 54 2.34 32.09 -20.38
N GLN D 55 3.19 31.14 -19.98
CA GLN D 55 2.79 29.95 -19.27
C GLN D 55 3.74 29.73 -18.11
N LEU D 56 3.20 29.32 -16.97
CA LEU D 56 3.97 29.13 -15.75
C LEU D 56 4.34 27.68 -15.62
N VAL D 57 5.62 27.42 -15.37
CA VAL D 57 6.18 26.09 -15.33
C VAL D 57 7.38 26.13 -14.40
N ALA D 58 8.32 25.20 -14.57
CA ALA D 58 9.64 25.31 -13.97
C ALA D 58 10.34 26.44 -14.73
N GLY D 59 9.97 27.67 -14.36
CA GLY D 59 10.28 28.83 -15.15
C GLY D 59 9.05 29.36 -15.87
N VAL D 60 9.23 29.91 -17.08
CA VAL D 60 8.16 30.54 -17.83
C VAL D 60 8.36 30.23 -19.31
N ASN D 61 7.29 29.79 -19.97
CA ASN D 61 7.28 29.67 -21.43
C ASN D 61 6.62 30.90 -22.02
N TYR D 62 7.22 31.43 -23.09
CA TYR D 62 6.70 32.59 -23.80
C TYR D 62 6.37 32.17 -25.23
N PHE D 63 5.17 32.51 -25.67
CA PHE D 63 4.70 32.25 -27.03
C PHE D 63 4.48 33.60 -27.68
N LEU D 64 5.37 33.97 -28.60
CA LEU D 64 5.37 35.30 -29.18
C LEU D 64 5.10 35.21 -30.67
N ASP D 65 4.20 36.07 -31.15
CA ASP D 65 4.00 36.32 -32.58
C ASP D 65 4.43 37.74 -32.88
N VAL D 66 5.47 37.89 -33.69
CA VAL D 66 6.03 39.20 -33.99
C VAL D 66 6.18 39.36 -35.48
N GLU D 67 6.12 40.62 -35.91
CA GLU D 67 6.45 41.01 -37.27
C GLU D 67 7.88 41.51 -37.30
N MET D 68 8.70 40.86 -38.12
CA MET D 68 10.11 41.19 -38.29
C MET D 68 10.32 41.89 -39.62
N GLY D 69 11.44 42.62 -39.72
CA GLY D 69 11.79 43.31 -40.94
C GLY D 69 13.25 43.74 -40.98
N ARG D 70 13.89 43.59 -42.14
CA ARG D 70 15.30 43.95 -42.30
C ARG D 70 15.50 45.45 -42.10
N THR D 71 16.62 45.80 -41.47
CA THR D 71 16.92 47.18 -41.07
C THR D 71 18.10 47.72 -41.87
N THR D 72 18.35 49.02 -41.68
CA THR D 72 19.46 49.68 -42.36
C THR D 72 20.80 49.14 -41.88
N CYS D 73 20.96 48.99 -40.57
CA CYS D 73 22.24 48.67 -39.97
C CYS D 73 22.75 47.32 -40.48
N THR D 74 24.08 47.19 -40.50
CA THR D 74 24.70 45.95 -40.94
C THR D 74 24.63 44.89 -39.84
N LYS D 75 24.84 43.64 -40.24
CA LYS D 75 24.68 42.54 -39.29
C LYS D 75 25.72 42.55 -38.18
N SER D 76 26.85 43.26 -38.38
CA SER D 76 27.98 43.20 -37.45
C SER D 76 28.35 44.55 -36.84
N GLN D 77 27.63 45.64 -37.14
CA GLN D 77 27.95 46.92 -36.52
C GLN D 77 27.47 46.94 -35.06
N THR D 78 28.11 47.80 -34.27
CA THR D 78 27.81 47.92 -32.85
C THR D 78 26.86 49.07 -32.49
N ASN D 79 26.49 49.91 -33.45
CA ASN D 79 25.54 51.00 -33.21
C ASN D 79 24.10 50.53 -33.38
N LEU D 80 23.75 49.44 -32.70
CA LEU D 80 22.46 48.80 -32.89
C LEU D 80 21.31 49.51 -32.17
N THR D 81 21.59 50.61 -31.46
CA THR D 81 20.54 51.26 -30.67
C THR D 81 19.44 51.85 -31.56
N ASP D 82 19.82 52.67 -32.55
CA ASP D 82 18.90 53.37 -33.43
C ASP D 82 19.10 52.88 -34.86
N CYS D 83 18.31 51.88 -35.25
CA CYS D 83 18.43 51.21 -36.55
C CYS D 83 17.05 51.12 -37.21
N PRO D 84 16.70 52.04 -38.09
CA PRO D 84 15.36 52.01 -38.70
C PRO D 84 15.26 50.94 -39.78
N PHE D 85 14.07 50.83 -40.38
CA PHE D 85 13.78 49.81 -41.37
C PHE D 85 13.99 50.34 -42.80
N HIS D 86 14.27 49.40 -43.72
CA HIS D 86 14.45 49.74 -45.13
C HIS D 86 13.15 50.32 -45.72
N ASP D 87 13.28 50.83 -46.94
CA ASP D 87 12.21 51.61 -47.58
C ASP D 87 11.23 50.72 -48.34
N GLN D 88 11.63 50.24 -49.52
CA GLN D 88 10.72 49.49 -50.37
C GLN D 88 10.43 48.11 -49.77
N PRO D 89 9.31 47.48 -50.17
CA PRO D 89 9.11 46.08 -49.77
C PRO D 89 10.17 45.14 -50.32
N HIS D 90 10.77 45.47 -51.47
CA HIS D 90 11.83 44.63 -52.03
C HIS D 90 13.00 44.50 -51.08
N LEU D 91 13.36 45.59 -50.40
CA LEU D 91 14.52 45.63 -49.51
C LEU D 91 14.15 45.39 -48.05
N MET D 92 12.87 45.20 -47.72
CA MET D 92 12.46 45.01 -46.33
C MET D 92 12.36 43.55 -45.95
N ARG D 93 11.71 42.73 -46.78
CA ARG D 93 11.54 41.31 -46.50
C ARG D 93 10.79 41.09 -45.19
N LYS D 94 9.61 41.71 -45.09
CA LYS D 94 8.75 41.56 -43.92
C LYS D 94 8.42 40.10 -43.67
N ALA D 95 8.31 39.75 -42.38
CA ALA D 95 8.00 38.38 -41.98
C ALA D 95 7.22 38.40 -40.67
N LEU D 96 6.24 37.50 -40.56
CA LEU D 96 5.46 37.30 -39.34
C LEU D 96 5.98 36.04 -38.65
N CYS D 97 6.77 36.23 -37.61
CA CYS D 97 7.44 35.13 -36.92
C CYS D 97 6.68 34.72 -35.67
N SER D 98 6.71 33.41 -35.39
CA SER D 98 6.10 32.84 -34.21
C SER D 98 7.19 32.13 -33.41
N PHE D 99 7.41 32.56 -32.17
CA PHE D 99 8.49 32.06 -31.33
C PHE D 99 7.95 31.19 -30.20
N GLN D 100 8.87 30.54 -29.50
CA GLN D 100 8.54 29.66 -28.38
C GLN D 100 9.78 29.63 -27.49
N ILE D 101 9.72 30.31 -26.35
CA ILE D 101 10.90 30.61 -25.54
C ILE D 101 10.70 30.05 -24.14
N TYR D 102 11.59 29.13 -23.73
CA TYR D 102 11.60 28.60 -22.38
C TYR D 102 12.59 29.39 -21.52
N SER D 103 12.07 30.08 -20.52
CA SER D 103 12.86 30.91 -19.61
C SER D 103 12.90 30.25 -18.24
N VAL D 104 14.08 30.22 -17.63
CA VAL D 104 14.27 29.74 -16.26
C VAL D 104 14.98 30.86 -15.51
N PRO D 105 14.25 31.80 -14.87
CA PRO D 105 14.93 32.97 -14.31
C PRO D 105 15.99 32.67 -13.25
N TRP D 106 15.75 31.74 -12.33
CA TRP D 106 16.73 31.48 -11.27
C TRP D 106 17.97 30.75 -11.75
N LYS D 107 18.04 30.38 -13.03
CA LYS D 107 19.26 29.89 -13.65
C LYS D 107 19.88 30.87 -14.64
N GLY D 108 19.20 31.98 -14.93
CA GLY D 108 19.67 32.87 -15.97
C GLY D 108 19.49 32.34 -17.38
N THR D 109 18.62 31.37 -17.57
CA THR D 109 18.50 30.66 -18.83
C THR D 109 17.37 31.20 -19.70
N HIS D 110 17.66 31.34 -20.99
CA HIS D 110 16.67 31.53 -22.04
C HIS D 110 16.95 30.49 -23.13
N SER D 111 15.89 29.90 -23.68
CA SER D 111 16.03 28.79 -24.61
C SER D 111 14.92 28.87 -25.67
N LEU D 112 15.32 28.82 -26.95
CA LEU D 112 14.38 28.87 -28.07
C LEU D 112 13.99 27.44 -28.45
N THR D 113 12.79 27.02 -28.05
CA THR D 113 12.34 25.65 -28.31
C THR D 113 11.83 25.49 -29.73
N LYS D 114 10.98 26.41 -30.19
CA LYS D 114 10.35 26.32 -31.50
C LYS D 114 10.31 27.70 -32.14
N PHE D 115 10.40 27.73 -33.47
CA PHE D 115 10.21 28.98 -34.18
C PHE D 115 10.07 28.73 -35.68
N SER D 116 9.25 29.56 -36.32
CA SER D 116 9.07 29.56 -37.76
C SER D 116 8.59 30.95 -38.17
N CYS D 117 8.68 31.25 -39.47
CA CYS D 117 8.32 32.55 -39.98
C CYS D 117 7.70 32.42 -41.37
N LYS D 118 6.45 32.84 -41.51
CA LYS D 118 5.84 33.04 -42.81
C LYS D 118 6.10 34.49 -43.27
N ASN D 119 5.59 34.84 -44.44
CA ASN D 119 5.75 36.18 -44.99
C ASN D 119 4.47 36.99 -44.79
N ALA D 120 4.65 38.31 -44.68
CA ALA D 120 3.54 39.24 -44.45
C ALA D 120 3.62 40.43 -45.41
C1 NAG E . 1.93 -3.33 -17.99
C2 NAG E . 3.35 -3.38 -18.54
C3 NAG E . 3.72 -4.83 -18.92
C4 NAG E . 3.43 -5.77 -17.76
C5 NAG E . 1.98 -5.59 -17.33
C6 NAG E . 1.63 -6.40 -16.11
C7 NAG E . 4.34 -1.48 -19.85
C8 NAG E . 5.35 -1.25 -18.74
N2 NAG E . 3.47 -2.50 -19.69
O3 NAG E . 5.10 -4.90 -19.28
O4 NAG E . 3.68 -7.14 -18.09
O5 NAG E . 1.77 -4.24 -16.96
O6 NAG E . 0.79 -7.50 -16.44
O7 NAG E . 4.33 -0.78 -20.85
H2 NAG E . 3.98 -3.11 -17.84
H3 NAG E . 3.18 -5.09 -19.69
H4 NAG E . 4.04 -5.55 -17.03
H5 NAG E . 1.39 -5.85 -18.07
H61 NAG E . 1.16 -5.83 -15.47
H62 NAG E . 2.45 -6.74 -15.70
H81 NAG E . 5.97 -0.54 -19.01
H82 NAG E . 5.85 -2.08 -18.58
H83 NAG E . 4.89 -0.99 -17.93
HN2 NAG E . 2.89 -2.65 -20.38
HO3 NAG E . 5.60 -4.58 -18.63
HO6 NAG E . 0.40 -7.81 -15.71
C1 NAG E . 4.61 -7.68 -17.12
C2 NAG E . 4.38 -9.19 -16.85
C3 NAG E . 5.39 -9.71 -15.84
C4 NAG E . 6.82 -9.36 -16.26
C5 NAG E . 6.94 -7.86 -16.56
C6 NAG E . 8.31 -7.46 -17.10
C7 NAG E . 2.46 -10.65 -16.31
C8 NAG E . 1.03 -10.68 -15.82
N2 NAG E . 3.02 -9.43 -16.41
O3 NAG E . 5.28 -11.12 -15.66
O4 NAG E . 7.73 -9.74 -15.24
O5 NAG E . 5.98 -7.46 -17.54
O6 NAG E . 9.04 -8.58 -17.60
O7 NAG E . 3.09 -11.69 -16.58
H2 NAG E . 4.52 -9.67 -17.69
H3 NAG E . 5.20 -9.28 -14.98
H4 NAG E . 7.02 -9.86 -17.09
H5 NAG E . 6.79 -7.38 -15.73
H61 NAG E . 8.82 -7.04 -16.38
H62 NAG E . 8.18 -6.82 -17.82
H81 NAG E . 0.98 -10.26 -14.95
H82 NAG E . 0.74 -11.60 -15.76
H83 NAG E . 0.46 -10.19 -16.46
HN2 NAG E . 2.51 -8.71 -16.19
HO3 NAG E . 5.46 -11.52 -16.44
HO4 NAG E . 8.02 -9.01 -14.81
HO6 NAG E . 8.75 -8.78 -18.41
C1 NAG F . 14.67 -3.88 7.71
C2 NAG F . 16.15 -4.26 7.75
C3 NAG F . 16.95 -3.35 6.82
C4 NAG F . 16.34 -3.36 5.42
C5 NAG F . 14.85 -3.06 5.47
C6 NAG F . 14.16 -3.21 4.13
C7 NAG F . 16.86 -5.16 9.98
C8 NAG F . 16.48 -6.56 9.52
N2 NAG F . 16.68 -4.15 9.12
O3 NAG F . 18.30 -3.80 6.77
O4 NAG F . 16.97 -2.36 4.64
O5 NAG F . 14.19 -3.97 6.38
O6 NAG F . 14.30 -4.51 3.59
O7 NAG F . 17.32 -4.97 11.11
H2 NAG F . 16.24 -5.18 7.46
H3 NAG F . 16.92 -2.44 7.17
H4 NAG F . 16.47 -4.26 5.02
H5 NAG F . 14.73 -2.14 5.80
H61 NAG F . 14.55 -2.56 3.51
H62 NAG F . 13.20 -3.00 4.24
H81 NAG F . 15.54 -6.56 9.25
H82 NAG F . 16.61 -7.19 10.25
H83 NAG F . 17.04 -6.81 8.77
HN2 NAG F . 16.91 -3.32 9.40
HO3 NAG F . 18.81 -3.12 6.52
HO6 NAG F . 13.48 -4.86 3.46
C1 NAG F . 18.04 -2.93 3.86
C2 NAG F . 17.75 -2.73 2.36
C3 NAG F . 18.93 -3.21 1.52
C4 NAG F . 20.22 -2.53 1.98
C5 NAG F . 20.41 -2.77 3.49
C6 NAG F . 21.61 -2.07 4.07
C7 NAG F . 15.73 -3.04 0.98
C8 NAG F . 14.53 -3.90 0.72
N2 NAG F . 16.53 -3.43 1.98
O3 NAG F . 18.69 -2.91 0.15
O4 NAG F . 21.33 -3.05 1.26
O5 NAG F . 19.26 -2.28 4.19
O6 NAG F . 21.55 -2.07 5.49
O7 NAG F . 15.98 -2.04 0.30
H2 NAG F . 17.63 -1.77 2.19
H3 NAG F . 19.03 -4.17 1.62
H4 NAG F . 20.18 -1.58 1.82
H5 NAG F . 20.50 -3.74 3.63
H61 NAG F . 21.62 -1.15 3.75
H62 NAG F . 22.43 -2.52 3.78
H81 NAG F . 14.22 -3.76 -0.19
H82 NAG F . 13.82 -3.65 1.35
H83 NAG F . 14.76 -4.84 0.85
HN2 NAG F . 16.30 -4.18 2.44
HO3 NAG F . 19.30 -2.34 -0.14
HO4 NAG F . 21.17 -3.02 0.39
HO6 NAG F . 20.70 -2.10 5.75
C1 EDO G . -12.06 5.93 -16.66
O1 EDO G . -12.80 6.72 -15.71
C2 EDO G . -10.87 6.72 -17.20
O2 EDO G . -10.14 5.93 -18.15
H11 EDO G . -12.70 5.64 -17.49
H12 EDO G . -11.70 5.02 -16.19
HO1 EDO G . -13.61 6.25 -15.47
H21 EDO G . -10.21 7.01 -16.38
H22 EDO G . -11.22 7.64 -17.68
HO2 EDO G . -9.47 6.47 -18.58
S SO4 H . 17.33 21.11 -11.56
O1 SO4 H . 16.75 19.98 -12.30
O2 SO4 H . 16.65 22.35 -11.94
O3 SO4 H . 18.76 21.29 -11.88
O4 SO4 H . 17.18 20.86 -10.12
S SO4 I . -13.15 28.21 11.87
O1 SO4 I . -13.70 27.86 13.19
O2 SO4 I . -14.27 28.41 10.93
O3 SO4 I . -12.26 27.11 11.44
O4 SO4 I . -12.37 29.45 11.96
S SO4 J . -0.73 28.93 15.36
O1 SO4 J . -1.81 28.39 14.52
O2 SO4 J . -0.94 28.55 16.76
O3 SO4 J . -0.77 30.39 15.25
O4 SO4 J . 0.58 28.40 14.97
S SO4 K . 4.24 20.58 19.60
O1 SO4 K . 3.83 21.29 18.40
O2 SO4 K . 3.04 20.24 20.41
O3 SO4 K . 5.16 21.41 20.39
O4 SO4 K . 4.94 19.34 19.24
S SO4 L . 1.66 -29.49 1.49
O1 SO4 L . 0.48 -29.07 0.73
O2 SO4 L . 1.21 -29.86 2.82
O3 SO4 L . 2.65 -28.40 1.62
O4 SO4 L . 2.30 -30.63 0.83
S SO4 M . 4.95 6.01 10.01
O1 SO4 M . 4.76 5.20 11.21
O2 SO4 M . 3.82 6.96 9.89
O3 SO4 M . 5.03 5.14 8.84
O4 SO4 M . 6.20 6.78 10.08
S SO4 N . -3.06 -16.65 4.21
O1 SO4 N . -4.08 -15.91 4.94
O2 SO4 N . -3.30 -18.08 4.46
O3 SO4 N . -3.11 -16.41 2.77
O4 SO4 N . -1.72 -16.24 4.65
S SO4 O . -29.67 -15.91 1.18
O1 SO4 O . -29.67 -17.37 1.00
O2 SO4 O . -31.03 -15.41 1.00
O3 SO4 O . -28.79 -15.33 0.17
O4 SO4 O . -29.17 -15.57 2.53
S SO4 P . -26.06 -24.66 -8.44
O1 SO4 P . -26.30 -26.08 -8.70
O2 SO4 P . -26.80 -24.29 -7.22
O3 SO4 P . -24.63 -24.44 -8.24
O4 SO4 P . -26.53 -23.86 -9.58
S SO4 Q . -4.57 -40.27 12.37
O1 SO4 Q . -4.78 -39.12 13.27
O2 SO4 Q . -5.81 -40.53 11.60
O3 SO4 Q . -3.46 -40.04 11.42
O4 SO4 Q . -4.23 -41.44 13.20
S SO4 R . 2.76 -27.50 25.28
O1 SO4 R . 1.80 -28.61 25.20
O2 SO4 R . 2.20 -26.44 26.13
O3 SO4 R . 2.97 -26.96 23.93
O4 SO4 R . 4.03 -27.99 25.86
#